data_2YOR
#
_entry.id   2YOR
#
_cell.length_a   77.290
_cell.length_b   95.030
_cell.length_c   127.200
_cell.angle_alpha   90.00
_cell.angle_beta   90.00
_cell.angle_gamma   90.00
#
_symmetry.space_group_name_H-M   'P 21 21 21'
#
loop_
_entity.id
_entity.type
_entity.pdbx_description
1 polymer 'AROMATIC PEROXYGENASE'
2 branched beta-D-mannopyranose-(1-4)-2-acetamido-2-deoxy-beta-D-glucopyranose-(1-4)-2-acetamido-2-deoxy-beta-D-glucopyranose
3 branched alpha-D-mannopyranose-(1-3)-[alpha-D-mannopyranose-(1-6)]beta-D-mannopyranose-(1-4)-2-acetamido-2-deoxy-beta-D-glucopyranose-(1-4)-2-acetamido-2-deoxy-beta-D-glucopyranose
4 branched alpha-D-mannopyranose-(1-2)-alpha-D-mannopyranose-(1-6)-[alpha-D-mannopyranose-(1-3)]alpha-D-mannopyranose-(1-6)-[alpha-D-mannopyranose-(1-3)]beta-D-mannopyranose-(1-4)-2-acetamido-2-deoxy-beta-D-glucopyranose-(1-4)-2-acetamido-2-deoxy-beta-D-glucopyranose
5 branched 2-acetamido-2-deoxy-beta-D-glucopyranose-(1-4)-2-acetamido-2-deoxy-beta-D-glucopyranose
6 non-polymer 'PROTOPORPHYRIN IX CONTAINING FE'
7 non-polymer 'MAGNESIUM ION'
8 non-polymer 1H-imidazol-5-ylmethanol
9 non-polymer 2-acetamido-2-deoxy-beta-D-glucopyranose
10 non-polymer beta-D-mannopyranose
11 non-polymer 'SULFATE ION'
12 non-polymer 'CHLORIDE ION'
13 non-polymer 2-AMINO-2-HYDROXYMETHYL-PROPANE-1,3-DIOL
14 water water
#
_entity_poly.entity_id   1
_entity_poly.type   'polypeptide(L)'
_entity_poly.pdbx_seq_one_letter_code
;LPPGPLENSSAKLVNDEAHPWKPLRPGDIRGPCPGLNTLASHGYLPRNGVATPVQIINAVQEGLNFDNQAAVFATYAAHL
VDGNLITDLLSIGRKTRLTGPDPPPPASVGGLNEHGTFEGDASMTRGDAFFGNNHDFNETLFEQLVDYSNRFGGGKYNLT
VAGELRFKRIQDSIATNPNFSFVDFRFFTAYGETTFPANLFVDGRRDDGQLDMDAARSFFQFSRMPDDFFRAPSPRSGTG
VEVVIQAHPMQPGRNVGKINSYTVDPTSSDFSTPCLMYEKFVNITVKSLYPNPTVQLRKALNTNLDFFFQGVAAGCTQVF
PYGRD
;
_entity_poly.pdbx_strand_id   A,B
#
# COMPACT_ATOMS: atom_id res chain seq x y z
N PRO A 2 8.71 2.10 20.46
CA PRO A 2 7.97 1.54 19.29
C PRO A 2 8.91 0.74 18.38
N PRO A 3 8.70 -0.58 18.28
CA PRO A 3 9.58 -1.49 17.55
C PRO A 3 9.64 -1.17 16.04
N GLY A 4 10.80 -1.44 15.44
CA GLY A 4 11.01 -1.27 14.01
C GLY A 4 10.54 -2.50 13.29
N PRO A 5 10.80 -2.57 11.98
CA PRO A 5 10.25 -3.67 11.19
C PRO A 5 11.01 -4.97 11.55
N LEU A 6 10.37 -6.13 11.33
CA LEU A 6 11.03 -7.45 11.47
C LEU A 6 12.44 -7.42 10.93
N GLU A 7 13.36 -8.09 11.62
CA GLU A 7 14.73 -8.27 11.15
C GLU A 7 14.87 -9.20 9.94
N ASN A 8 14.11 -10.28 9.98
CA ASN A 8 14.04 -11.24 8.89
C ASN A 8 12.55 -11.53 8.60
N SER A 9 12.05 -11.01 7.50
CA SER A 9 10.62 -11.09 7.32
C SER A 9 10.11 -11.97 6.20
N SER A 10 10.77 -13.08 5.92
CA SER A 10 10.24 -14.09 4.99
C SER A 10 9.11 -14.97 5.56
N ALA A 11 8.40 -15.67 4.69
CA ALA A 11 7.41 -16.65 5.11
C ALA A 11 8.03 -17.68 6.07
N LYS A 12 7.25 -18.17 7.03
CA LYS A 12 7.67 -19.27 7.86
C LYS A 12 6.47 -19.76 8.65
N LEU A 13 6.52 -20.97 9.16
CA LEU A 13 5.39 -21.51 9.87
C LEU A 13 5.18 -20.68 11.13
N VAL A 14 3.95 -20.22 11.35
CA VAL A 14 3.73 -19.48 12.61
C VAL A 14 2.77 -20.23 13.52
N ASN A 15 1.97 -21.13 12.94
CA ASN A 15 1.22 -22.09 13.75
C ASN A 15 2.18 -23.19 14.21
N ASP A 16 3.05 -22.83 15.14
CA ASP A 16 4.13 -23.71 15.53
C ASP A 16 4.04 -24.16 16.98
N GLU A 17 5.08 -24.88 17.37
CA GLU A 17 5.13 -25.68 18.56
C GLU A 17 5.11 -24.75 19.78
N ALA A 18 5.85 -23.65 19.67
CA ALA A 18 5.85 -22.64 20.70
C ALA A 18 4.56 -21.76 20.73
N HIS A 19 3.69 -21.85 19.72
CA HIS A 19 2.48 -20.99 19.62
C HIS A 19 1.21 -21.76 19.26
N PRO A 20 0.91 -22.79 20.04
CA PRO A 20 -0.33 -23.54 19.85
C PRO A 20 -1.59 -22.69 20.11
N TRP A 21 -2.64 -22.93 19.34
CA TRP A 21 -3.96 -22.51 19.72
C TRP A 21 -4.38 -23.13 21.06
N LYS A 22 -5.10 -22.38 21.89
CA LYS A 22 -5.86 -22.93 23.03
C LYS A 22 -7.26 -22.31 23.09
N PRO A 23 -8.24 -22.99 23.71
CA PRO A 23 -9.57 -22.39 23.86
C PRO A 23 -9.53 -21.25 24.86
N LEU A 24 -10.57 -20.42 24.87
CA LEU A 24 -10.68 -19.36 25.85
C LEU A 24 -10.88 -19.96 27.23
N ARG A 25 -10.10 -19.46 28.20
CA ARG A 25 -10.43 -19.60 29.61
C ARG A 25 -11.42 -18.49 29.97
N PRO A 26 -12.24 -18.70 31.03
CA PRO A 26 -13.08 -17.62 31.53
C PRO A 26 -12.24 -16.43 31.99
N GLY A 27 -12.52 -15.26 31.45
CA GLY A 27 -11.68 -14.09 31.74
C GLY A 27 -10.79 -13.68 30.58
N ASP A 28 -10.58 -14.58 29.62
CA ASP A 28 -9.73 -14.25 28.46
C ASP A 28 -10.52 -13.33 27.51
N ILE A 29 -9.92 -12.20 27.14
CA ILE A 29 -10.68 -11.17 26.43
C ILE A 29 -10.48 -11.20 24.92
N ARG A 30 -11.59 -11.34 24.17
CA ARG A 30 -11.49 -11.30 22.72
C ARG A 30 -12.45 -10.23 22.23
N GLY A 31 -12.15 -9.64 21.06
CA GLY A 31 -12.90 -8.46 20.59
C GLY A 31 -13.28 -8.53 19.12
N PRO A 32 -13.37 -7.36 18.47
CA PRO A 32 -13.92 -7.29 17.09
C PRO A 32 -12.83 -7.50 16.02
N CYS A 33 -11.56 -7.67 16.43
CA CYS A 33 -10.49 -7.87 15.45
C CYS A 33 -10.00 -9.32 15.38
N PRO A 34 -10.26 -10.00 14.27
CA PRO A 34 -9.84 -11.36 14.07
C PRO A 34 -8.32 -11.50 14.04
N GLY A 35 -7.61 -10.42 13.72
CA GLY A 35 -6.16 -10.48 13.72
C GLY A 35 -5.60 -10.51 15.13
N LEU A 36 -5.98 -9.55 15.96
CA LEU A 36 -5.53 -9.57 17.35
C LEU A 36 -6.07 -10.80 18.09
N ASN A 37 -7.33 -11.13 17.88
CA ASN A 37 -7.90 -12.33 18.52
C ASN A 37 -7.07 -13.59 18.26
N THR A 38 -6.67 -13.79 17.01
CA THR A 38 -5.96 -15.02 16.64
C THR A 38 -4.54 -15.03 17.22
N LEU A 39 -3.92 -13.85 17.22
CA LEU A 39 -2.63 -13.70 17.83
C LEU A 39 -2.65 -14.04 19.32
N ALA A 40 -3.66 -13.52 20.03
CA ALA A 40 -3.85 -13.84 21.46
C ALA A 40 -4.09 -15.34 21.63
N SER A 41 -4.87 -15.93 20.73
CA SER A 41 -5.20 -17.33 20.89
C SER A 41 -4.06 -18.30 20.52
N HIS A 42 -3.07 -17.81 19.77
CA HIS A 42 -1.84 -18.56 19.55
C HIS A 42 -0.69 -18.10 20.44
N GLY A 43 -0.97 -17.24 21.40
CA GLY A 43 0.05 -16.86 22.36
C GLY A 43 1.15 -15.92 21.83
N TYR A 44 0.92 -15.31 20.66
CA TYR A 44 1.80 -14.22 20.22
C TYR A 44 1.55 -12.99 21.09
N LEU A 45 0.30 -12.83 21.53
CA LEU A 45 -0.06 -11.78 22.52
C LEU A 45 -0.37 -12.50 23.85
N PRO A 46 -0.33 -11.75 24.97
CA PRO A 46 -0.86 -12.39 26.19
C PRO A 46 -2.23 -13.03 25.91
N ARG A 47 -2.38 -14.32 26.27
CA ARG A 47 -3.60 -15.04 26.02
C ARG A 47 -4.82 -14.45 26.68
N ASN A 48 -4.63 -13.58 27.65
CA ASN A 48 -5.80 -12.95 28.21
C ASN A 48 -6.24 -11.66 27.51
N GLY A 49 -5.55 -11.29 26.44
CA GLY A 49 -6.03 -10.20 25.58
C GLY A 49 -5.77 -8.77 26.11
N VAL A 50 -4.90 -8.60 27.12
CA VAL A 50 -4.46 -7.26 27.52
C VAL A 50 -2.95 -7.09 27.29
N ALA A 51 -2.57 -6.06 26.53
CA ALA A 51 -1.18 -5.94 26.07
C ALA A 51 -0.69 -4.50 26.04
N THR A 52 0.62 -4.29 26.16
CA THR A 52 1.19 -3.01 25.76
C THR A 52 1.18 -2.81 24.24
N PRO A 53 1.24 -1.55 23.81
CA PRO A 53 1.48 -1.22 22.42
C PRO A 53 2.70 -1.91 21.80
N VAL A 54 3.84 -1.93 22.49
CA VAL A 54 5.01 -2.67 22.01
C VAL A 54 4.71 -4.16 21.82
N GLN A 55 4.00 -4.75 22.76
CA GLN A 55 3.62 -6.15 22.58
C GLN A 55 2.75 -6.40 21.34
N ILE A 56 1.78 -5.51 21.10
CA ILE A 56 0.84 -5.75 20.00
C ILE A 56 1.59 -5.62 18.65
N ILE A 57 2.43 -4.62 18.54
CA ILE A 57 3.23 -4.42 17.34
C ILE A 57 4.23 -5.54 17.01
N ASN A 58 4.97 -6.03 17.99
CA ASN A 58 5.84 -7.19 17.76
C ASN A 58 5.00 -8.43 17.36
N ALA A 59 3.82 -8.60 17.96
CA ALA A 59 3.01 -9.77 17.69
C ALA A 59 2.45 -9.71 16.26
N VAL A 60 1.90 -8.57 15.84
CA VAL A 60 1.30 -8.55 14.50
C VAL A 60 2.35 -8.70 13.39
N GLN A 61 3.57 -8.20 13.63
CA GLN A 61 4.64 -8.37 12.66
C GLN A 61 5.13 -9.81 12.70
N GLU A 62 5.39 -10.35 13.89
CA GLU A 62 5.93 -11.71 13.94
C GLU A 62 4.90 -12.79 13.61
N GLY A 63 3.66 -12.60 14.03
CA GLY A 63 2.66 -13.62 13.76
C GLY A 63 2.16 -13.62 12.34
N LEU A 64 2.02 -12.44 11.73
CA LEU A 64 1.22 -12.34 10.49
C LEU A 64 1.90 -11.49 9.44
N ASN A 65 3.07 -10.97 9.79
CA ASN A 65 3.83 -10.13 8.88
C ASN A 65 3.10 -8.85 8.48
N PHE A 66 2.31 -8.32 9.42
CA PHE A 66 1.69 -7.03 9.23
C PHE A 66 2.80 -5.96 9.16
N ASP A 67 2.73 -5.04 8.20
CA ASP A 67 3.82 -4.07 8.07
C ASP A 67 3.88 -3.06 9.19
N ASN A 68 5.06 -2.44 9.34
CA ASN A 68 5.36 -1.65 10.52
C ASN A 68 4.54 -0.37 10.56
N GLN A 69 4.41 0.32 9.43
CA GLN A 69 3.65 1.57 9.38
C GLN A 69 2.16 1.40 9.78
N ALA A 70 1.53 0.39 9.24
CA ALA A 70 0.13 0.08 9.61
C ALA A 70 -0.01 -0.35 11.07
N ALA A 71 0.89 -1.19 11.54
CA ALA A 71 0.84 -1.68 12.93
C ALA A 71 0.96 -0.49 13.91
N VAL A 72 1.87 0.42 13.60
CA VAL A 72 2.10 1.61 14.40
C VAL A 72 0.91 2.58 14.36
N PHE A 73 0.36 2.82 13.18
CA PHE A 73 -0.86 3.59 13.04
C PHE A 73 -2.06 3.03 13.82
N ALA A 74 -2.41 1.77 13.57
CA ALA A 74 -3.55 1.14 14.21
C ALA A 74 -3.40 1.00 15.75
N THR A 75 -2.23 0.58 16.18
CA THR A 75 -1.97 0.36 17.61
C THR A 75 -1.98 1.64 18.44
N TYR A 76 -1.27 2.68 18.01
CA TYR A 76 -1.31 3.89 18.82
C TYR A 76 -2.59 4.71 18.70
N ALA A 77 -3.26 4.62 17.56
CA ALA A 77 -4.62 5.19 17.40
C ALA A 77 -5.59 4.56 18.42
N ALA A 78 -5.63 3.24 18.46
CA ALA A 78 -6.42 2.49 19.43
C ALA A 78 -6.04 2.78 20.88
N HIS A 79 -4.75 2.80 21.18
CA HIS A 79 -4.29 3.04 22.55
C HIS A 79 -4.71 4.47 23.01
N LEU A 80 -4.52 5.47 22.13
CA LEU A 80 -4.96 6.84 22.45
C LEU A 80 -6.42 6.90 22.87
N VAL A 81 -7.31 6.21 22.16
CA VAL A 81 -8.74 6.42 22.42
C VAL A 81 -9.37 5.37 23.31
N ASP A 82 -8.75 4.18 23.37
CA ASP A 82 -9.33 3.02 24.01
C ASP A 82 -8.48 2.48 25.18
N GLY A 83 -7.22 2.90 25.26
CA GLY A 83 -6.28 2.28 26.23
C GLY A 83 -5.87 3.20 27.39
N ASN A 84 -5.16 2.63 28.37
CA ASN A 84 -4.74 3.36 29.56
C ASN A 84 -3.33 3.89 29.37
N LEU A 85 -3.22 5.21 29.30
CA LEU A 85 -1.99 5.84 28.92
C LEU A 85 -0.92 5.85 30.02
N ILE A 86 -1.34 5.71 31.29
CA ILE A 86 -0.43 5.71 32.46
C ILE A 86 0.16 4.31 32.64
N THR A 87 -0.70 3.30 32.56
CA THR A 87 -0.23 1.93 32.64
C THR A 87 0.34 1.40 31.34
N ASP A 88 -0.09 1.99 30.23
CA ASP A 88 0.39 1.65 28.93
C ASP A 88 -0.18 0.33 28.48
N LEU A 89 -1.43 0.08 28.88
CA LEU A 89 -2.07 -1.19 28.51
C LEU A 89 -3.36 -0.93 27.74
N LEU A 90 -3.74 -1.90 26.90
CA LEU A 90 -4.92 -1.82 26.05
C LEU A 90 -5.61 -3.17 26.06
N SER A 91 -6.92 -3.18 26.29
CA SER A 91 -7.66 -4.42 26.08
C SER A 91 -8.06 -4.58 24.59
N ILE A 92 -7.78 -5.72 24.01
CA ILE A 92 -8.25 -5.98 22.63
C ILE A 92 -9.75 -6.31 22.49
N GLY A 93 -10.52 -6.18 23.59
CA GLY A 93 -11.95 -6.31 23.52
C GLY A 93 -12.59 -5.42 24.57
N ARG A 94 -13.27 -6.02 25.55
CA ARG A 94 -14.13 -5.25 26.50
C ARG A 94 -13.29 -4.50 27.50
N LYS A 95 -13.88 -3.47 28.09
CA LYS A 95 -13.26 -2.74 29.20
C LYS A 95 -12.95 -3.72 30.35
N THR A 96 -11.79 -3.57 30.95
CA THR A 96 -11.37 -4.49 32.01
C THR A 96 -10.60 -3.69 33.06
N ARG A 97 -10.66 -4.17 34.31
CA ARG A 97 -9.90 -3.59 35.41
C ARG A 97 -8.42 -3.90 35.28
N LEU A 98 -8.09 -4.91 34.49
CA LEU A 98 -6.71 -5.20 34.20
C LEU A 98 -5.87 -4.02 33.68
N THR A 99 -6.50 -3.04 33.04
CA THR A 99 -5.76 -1.88 32.52
C THR A 99 -5.51 -0.80 33.64
N GLY A 100 -6.03 -1.01 34.83
CA GLY A 100 -5.66 -0.17 35.97
C GLY A 100 -6.56 1.03 36.23
N PRO A 101 -6.13 1.93 37.15
CA PRO A 101 -6.93 3.11 37.59
C PRO A 101 -7.27 4.05 36.39
N ASP A 102 -8.56 4.28 36.13
CA ASP A 102 -8.99 5.14 35.02
C ASP A 102 -8.53 6.61 35.16
N PRO A 103 -8.30 7.29 34.01
CA PRO A 103 -8.27 8.77 33.95
C PRO A 103 -9.66 9.40 34.25
N PRO A 104 -9.74 10.74 34.28
CA PRO A 104 -11.05 11.34 34.52
C PRO A 104 -11.95 11.23 33.29
N PRO A 105 -13.28 11.28 33.49
CA PRO A 105 -14.13 11.45 32.29
C PRO A 105 -13.75 12.72 31.49
N PRO A 106 -14.04 12.71 30.18
CA PRO A 106 -14.89 11.69 29.54
C PRO A 106 -14.12 10.54 28.85
N ALA A 107 -12.81 10.47 29.07
CA ALA A 107 -12.02 9.31 28.62
C ALA A 107 -12.64 8.03 29.17
N SER A 108 -12.79 7.04 28.32
CA SER A 108 -13.57 5.87 28.67
C SER A 108 -12.68 4.66 29.05
N VAL A 109 -11.46 4.63 28.50
CA VAL A 109 -10.57 3.46 28.50
C VAL A 109 -11.31 2.15 28.26
N GLY A 110 -12.05 2.04 27.16
CA GLY A 110 -13.14 1.07 27.10
C GLY A 110 -12.77 -0.17 26.33
N GLY A 111 -11.50 -0.29 25.93
CA GLY A 111 -11.05 -1.39 25.08
C GLY A 111 -11.45 -1.31 23.60
N LEU A 112 -10.95 -2.21 22.77
CA LEU A 112 -11.32 -2.18 21.35
C LEU A 112 -12.85 -2.26 21.16
N ASN A 113 -13.57 -2.77 22.15
CA ASN A 113 -15.04 -2.94 22.01
C ASN A 113 -15.75 -1.58 22.02
N GLU A 114 -15.06 -0.53 22.50
CA GLU A 114 -15.70 0.77 22.65
C GLU A 114 -16.15 1.31 21.27
N HIS A 115 -17.44 1.60 21.19
CA HIS A 115 -18.05 1.98 19.97
C HIS A 115 -17.83 3.45 19.68
N GLY A 116 -17.62 3.78 18.41
CA GLY A 116 -17.43 5.18 18.00
C GLY A 116 -15.98 5.66 18.00
N THR A 117 -15.12 5.04 18.80
CA THR A 117 -13.76 5.57 18.89
C THR A 117 -12.93 4.99 17.72
N PHE A 118 -12.58 3.69 17.79
CA PHE A 118 -11.91 3.01 16.68
C PHE A 118 -12.93 2.11 15.99
N GLU A 119 -13.59 1.27 16.77
CA GLU A 119 -14.51 0.26 16.22
C GLU A 119 -15.70 1.04 15.69
N GLY A 120 -16.34 0.54 14.63
CA GLY A 120 -17.48 1.29 14.03
C GLY A 120 -18.36 0.39 13.15
N ASP A 121 -19.31 1.00 12.45
CA ASP A 121 -20.40 0.25 11.78
C ASP A 121 -20.01 -0.40 10.44
N ALA A 122 -20.91 -1.23 9.94
CA ALA A 122 -20.72 -1.96 8.66
C ALA A 122 -19.49 -2.87 8.67
N SER A 123 -19.21 -3.51 9.80
CA SER A 123 -18.13 -4.50 9.88
C SER A 123 -18.60 -5.70 9.08
N MET A 124 -17.66 -6.55 8.68
CA MET A 124 -17.97 -7.69 7.82
C MET A 124 -18.67 -8.83 8.53
N THR A 125 -18.17 -9.19 9.72
CA THR A 125 -18.63 -10.39 10.41
C THR A 125 -19.20 -10.07 11.81
N ARG A 126 -19.34 -8.79 12.11
CA ARG A 126 -19.81 -8.40 13.44
C ARG A 126 -20.96 -7.47 13.17
N GLY A 127 -21.99 -7.46 14.03
CA GLY A 127 -23.12 -6.51 13.84
C GLY A 127 -22.83 -5.12 14.38
N ASP A 128 -23.58 -4.11 13.93
CA ASP A 128 -23.42 -2.73 14.38
C ASP A 128 -23.72 -2.65 15.90
N ALA A 129 -23.13 -1.66 16.58
CA ALA A 129 -23.36 -1.47 18.02
C ALA A 129 -24.83 -1.16 18.28
N PHE A 130 -25.51 -0.57 17.31
CA PHE A 130 -26.93 -0.26 17.48
C PHE A 130 -27.77 -1.48 17.84
N PHE A 131 -27.48 -2.61 17.22
CA PHE A 131 -28.32 -3.80 17.41
C PHE A 131 -27.96 -4.62 18.66
N GLY A 132 -26.83 -4.28 19.29
CA GLY A 132 -26.52 -4.77 20.62
C GLY A 132 -25.15 -5.38 20.90
N ASN A 133 -24.46 -5.90 19.87
CA ASN A 133 -23.22 -6.65 20.11
C ASN A 133 -22.23 -6.43 18.99
N ASN A 134 -21.24 -5.59 19.23
CA ASN A 134 -20.40 -5.17 18.13
C ASN A 134 -19.12 -5.97 18.04
N HIS A 135 -19.02 -7.09 18.75
CA HIS A 135 -17.71 -7.77 18.84
C HIS A 135 -17.71 -9.28 18.60
N ASP A 136 -18.81 -9.97 18.91
CA ASP A 136 -18.95 -11.38 18.59
C ASP A 136 -19.11 -11.65 17.09
N PHE A 137 -18.44 -12.71 16.65
CA PHE A 137 -18.68 -13.31 15.36
C PHE A 137 -20.19 -13.51 15.15
N ASN A 138 -20.71 -13.07 14.00
CA ASN A 138 -22.12 -13.27 13.68
C ASN A 138 -22.22 -14.22 12.47
N GLU A 139 -22.95 -15.32 12.62
CA GLU A 139 -23.00 -16.38 11.60
C GLU A 139 -23.78 -16.02 10.33
N THR A 140 -24.83 -15.23 10.45
CA THR A 140 -25.54 -14.76 9.30
C THR A 140 -24.65 -13.85 8.43
N LEU A 141 -23.86 -13.01 9.06
CA LEU A 141 -23.03 -12.14 8.24
C LEU A 141 -21.89 -12.95 7.61
N PHE A 142 -21.42 -13.97 8.31
CA PHE A 142 -20.37 -14.80 7.76
C PHE A 142 -20.92 -15.62 6.60
N GLU A 143 -22.17 -16.08 6.69
CA GLU A 143 -22.74 -16.85 5.60
C GLU A 143 -22.97 -15.95 4.39
N GLN A 144 -23.25 -14.66 4.62
CA GLN A 144 -23.22 -13.68 3.57
C GLN A 144 -21.81 -13.49 2.94
N LEU A 145 -20.78 -13.39 3.75
CA LEU A 145 -19.43 -13.35 3.21
C LEU A 145 -19.16 -14.59 2.32
N VAL A 146 -19.69 -15.75 2.70
CA VAL A 146 -19.51 -16.96 1.87
C VAL A 146 -20.26 -16.89 0.53
N ASP A 147 -21.56 -16.62 0.57
CA ASP A 147 -22.35 -16.27 -0.59
C ASP A 147 -21.65 -15.36 -1.61
N TYR A 148 -21.22 -14.19 -1.18
CA TYR A 148 -20.44 -13.27 -2.02
C TYR A 148 -19.15 -13.87 -2.52
N SER A 149 -18.50 -14.71 -1.72
CA SER A 149 -17.32 -15.41 -2.18
C SER A 149 -17.64 -16.32 -3.37
N ASN A 150 -18.71 -17.10 -3.24
CA ASN A 150 -19.28 -17.90 -4.34
C ASN A 150 -19.57 -17.14 -5.61
N ARG A 151 -20.19 -15.97 -5.46
CA ARG A 151 -20.73 -15.21 -6.58
C ARG A 151 -19.67 -14.34 -7.29
N PHE A 152 -18.64 -13.90 -6.57
CA PHE A 152 -17.68 -12.98 -7.13
C PHE A 152 -16.26 -13.51 -7.05
N GLY A 153 -16.03 -14.57 -6.28
CA GLY A 153 -14.65 -14.97 -6.00
C GLY A 153 -14.33 -16.38 -6.41
N GLY A 154 -15.24 -17.03 -7.13
CA GLY A 154 -15.11 -18.47 -7.42
C GLY A 154 -15.13 -19.36 -6.20
N GLY A 155 -15.84 -18.92 -5.16
CA GLY A 155 -15.82 -19.62 -3.87
C GLY A 155 -14.77 -19.13 -2.89
N LYS A 156 -13.86 -18.26 -3.33
CA LYS A 156 -12.83 -17.75 -2.42
C LYS A 156 -13.07 -16.28 -2.17
N TYR A 157 -12.60 -15.76 -1.03
CA TYR A 157 -12.63 -14.31 -0.77
C TYR A 157 -11.40 -13.66 -1.39
N ASN A 158 -11.62 -12.61 -2.18
CA ASN A 158 -10.52 -11.87 -2.76
C ASN A 158 -10.93 -10.43 -2.85
N LEU A 159 -10.04 -9.58 -3.35
CA LEU A 159 -10.32 -8.13 -3.43
C LEU A 159 -11.58 -7.78 -4.21
N THR A 160 -11.90 -8.56 -5.22
CA THR A 160 -13.12 -8.32 -5.96
C THR A 160 -14.31 -8.52 -5.02
N VAL A 161 -14.30 -9.61 -4.25
CA VAL A 161 -15.38 -9.93 -3.29
C VAL A 161 -15.45 -8.84 -2.22
N ALA A 162 -14.27 -8.44 -1.71
CA ALA A 162 -14.14 -7.35 -0.75
C ALA A 162 -14.86 -6.11 -1.24
N GLY A 163 -14.61 -5.73 -2.48
CA GLY A 163 -15.29 -4.59 -3.06
C GLY A 163 -16.81 -4.72 -3.02
N GLU A 164 -17.34 -5.90 -3.33
CA GLU A 164 -18.80 -6.12 -3.37
C GLU A 164 -19.46 -6.10 -1.98
N LEU A 165 -18.84 -6.80 -1.05
CA LEU A 165 -19.38 -6.98 0.30
C LEU A 165 -19.25 -5.70 1.16
N ARG A 166 -18.16 -4.98 0.98
CA ARG A 166 -18.00 -3.68 1.66
C ARG A 166 -19.20 -2.80 1.36
N PHE A 167 -19.68 -2.87 0.12
CA PHE A 167 -20.76 -1.97 -0.29
C PHE A 167 -22.07 -2.48 0.22
N LYS A 168 -22.31 -3.76 0.01
CA LYS A 168 -23.43 -4.46 0.62
C LYS A 168 -23.61 -4.16 2.13
N ARG A 169 -22.55 -4.27 2.90
CA ARG A 169 -22.64 -3.96 4.34
C ARG A 169 -23.01 -2.53 4.61
N ILE A 170 -22.47 -1.60 3.84
CA ILE A 170 -22.87 -0.20 3.99
C ILE A 170 -24.35 -0.04 3.66
N GLN A 171 -24.79 -0.60 2.54
CA GLN A 171 -26.20 -0.53 2.20
C GLN A 171 -27.09 -1.14 3.30
N ASP A 172 -26.72 -2.33 3.80
CA ASP A 172 -27.40 -3.01 4.92
C ASP A 172 -27.56 -2.02 6.08
N SER A 173 -26.45 -1.41 6.52
CA SER A 173 -26.53 -0.46 7.66
C SER A 173 -27.45 0.73 7.42
N ILE A 174 -27.38 1.32 6.21
CA ILE A 174 -28.20 2.48 5.90
C ILE A 174 -29.70 2.15 6.06
N ALA A 175 -30.09 0.94 5.69
CA ALA A 175 -31.50 0.53 5.62
C ALA A 175 -32.07 0.12 6.97
N THR A 176 -31.20 -0.18 7.95
CA THR A 176 -31.61 -0.89 9.19
C THR A 176 -31.16 -0.19 10.47
N ASN A 177 -30.15 0.68 10.37
CA ASN A 177 -29.50 1.23 11.54
C ASN A 177 -29.67 2.75 11.64
N PRO A 178 -30.62 3.20 12.46
CA PRO A 178 -30.92 4.63 12.35
C PRO A 178 -29.78 5.50 12.91
N ASN A 179 -28.78 4.87 13.54
CA ASN A 179 -27.61 5.54 14.09
C ASN A 179 -26.40 5.43 13.14
N PHE A 180 -26.59 4.76 12.01
CA PHE A 180 -25.49 4.53 11.08
C PHE A 180 -24.61 5.77 10.88
N SER A 181 -23.33 5.59 11.14
CA SER A 181 -22.36 6.66 10.97
C SER A 181 -21.22 6.11 10.09
N PHE A 182 -20.74 6.87 9.13
CA PHE A 182 -19.66 6.37 8.24
C PHE A 182 -18.77 7.53 7.77
N VAL A 183 -18.21 8.28 8.75
CA VAL A 183 -17.37 9.44 8.48
C VAL A 183 -15.93 9.24 8.94
N ASP A 184 -15.05 10.13 8.52
CA ASP A 184 -13.77 10.30 9.21
C ASP A 184 -12.97 9.03 9.39
N PHE A 185 -12.61 8.71 10.64
CA PHE A 185 -11.76 7.58 10.92
C PHE A 185 -12.33 6.25 10.43
N ARG A 186 -13.61 6.03 10.72
CA ARG A 186 -14.22 4.75 10.41
C ARG A 186 -14.37 4.61 8.87
N PHE A 187 -14.64 5.71 8.20
CA PHE A 187 -14.71 5.69 6.73
C PHE A 187 -13.38 5.21 6.16
N PHE A 188 -12.29 5.80 6.64
CA PHE A 188 -10.97 5.36 6.31
C PHE A 188 -10.67 3.89 6.57
N THR A 189 -10.83 3.45 7.81
CA THR A 189 -10.41 2.10 8.19
C THR A 189 -11.33 1.01 7.69
N ALA A 190 -12.60 1.33 7.45
CA ALA A 190 -13.54 0.31 6.93
C ALA A 190 -13.10 -0.28 5.58
N TYR A 191 -12.43 0.50 4.75
CA TYR A 191 -12.04 0.02 3.42
C TYR A 191 -10.74 -0.79 3.47
N GLY A 192 -9.77 -0.34 4.27
CA GLY A 192 -8.50 -1.05 4.43
C GLY A 192 -8.62 -2.41 5.14
N GLU A 193 -9.51 -2.52 6.12
CA GLU A 193 -9.83 -3.80 6.75
C GLU A 193 -10.25 -4.92 5.77
N THR A 194 -11.07 -4.59 4.75
CA THR A 194 -11.56 -5.59 3.78
C THR A 194 -10.46 -6.25 2.95
N THR A 195 -9.26 -5.66 2.89
CA THR A 195 -8.14 -6.25 2.14
C THR A 195 -7.33 -7.19 3.01
N PHE A 196 -7.43 -7.06 4.33
CA PHE A 196 -6.53 -7.77 5.23
C PHE A 196 -6.60 -9.28 5.10
N PRO A 197 -7.82 -9.83 4.96
CA PRO A 197 -7.88 -11.31 4.91
C PRO A 197 -7.25 -11.88 3.62
N ALA A 198 -7.46 -11.22 2.48
CA ALA A 198 -6.83 -11.65 1.24
C ALA A 198 -5.33 -11.44 1.32
N ASN A 199 -4.89 -10.42 2.08
CA ASN A 199 -3.47 -10.10 2.10
C ASN A 199 -2.70 -10.97 3.10
N LEU A 200 -3.37 -11.34 4.20
CA LEU A 200 -2.68 -11.77 5.41
C LEU A 200 -3.17 -13.12 5.98
N PHE A 201 -4.41 -13.51 5.64
CA PHE A 201 -4.98 -14.78 6.17
C PHE A 201 -4.71 -15.88 5.12
N VAL A 202 -4.04 -15.50 4.02
CA VAL A 202 -3.75 -16.43 2.92
C VAL A 202 -2.39 -17.10 3.16
N ASP A 203 -2.33 -18.42 3.09
CA ASP A 203 -1.06 -19.09 3.41
C ASP A 203 0.09 -18.54 2.57
N GLY A 204 1.19 -18.22 3.23
CA GLY A 204 2.27 -17.43 2.65
C GLY A 204 3.14 -18.14 1.61
N ARG A 205 3.12 -19.46 1.63
CA ARG A 205 3.73 -20.25 0.57
C ARG A 205 3.03 -20.03 -0.78
N ARG A 206 1.74 -19.74 -0.72
CA ARG A 206 0.93 -19.45 -1.91
C ARG A 206 0.80 -17.90 -2.18
N ASP A 207 0.32 -17.13 -1.20
CA ASP A 207 0.28 -15.65 -1.30
C ASP A 207 -0.33 -15.12 -2.60
N ASP A 208 -1.49 -15.62 -2.96
CA ASP A 208 -2.07 -15.31 -4.25
C ASP A 208 -3.44 -14.61 -4.05
N GLY A 209 -3.62 -14.07 -2.84
CA GLY A 209 -4.80 -13.30 -2.46
C GLY A 209 -6.16 -13.97 -2.64
N GLN A 210 -6.21 -15.30 -2.59
CA GLN A 210 -7.49 -16.06 -2.70
C GLN A 210 -7.70 -16.86 -1.42
N LEU A 211 -8.64 -16.44 -0.58
CA LEU A 211 -8.74 -17.02 0.78
C LEU A 211 -9.84 -18.08 0.73
N ASP A 212 -9.50 -19.33 1.06
CA ASP A 212 -10.54 -20.38 1.20
C ASP A 212 -11.45 -20.25 2.42
N MET A 213 -12.69 -20.72 2.27
CA MET A 213 -13.74 -20.52 3.27
C MET A 213 -13.50 -21.21 4.60
N ASP A 214 -12.78 -22.32 4.56
CA ASP A 214 -12.39 -23.00 5.80
C ASP A 214 -11.36 -22.16 6.57
N ALA A 215 -10.32 -21.67 5.88
CA ALA A 215 -9.38 -20.75 6.53
C ALA A 215 -10.15 -19.52 7.06
N ALA A 216 -11.07 -19.00 6.27
CA ALA A 216 -11.75 -17.75 6.65
C ALA A 216 -12.54 -17.95 7.94
N ARG A 217 -13.26 -19.06 8.02
CA ARG A 217 -14.03 -19.36 9.22
C ARG A 217 -13.14 -19.53 10.46
N SER A 218 -12.07 -20.27 10.30
CA SER A 218 -11.07 -20.48 11.37
C SER A 218 -10.57 -19.17 12.03
N PHE A 219 -10.13 -18.22 11.21
CA PHE A 219 -9.73 -16.90 11.71
C PHE A 219 -10.88 -16.13 12.29
N PHE A 220 -11.93 -15.93 11.50
CA PHE A 220 -13.01 -15.01 11.88
C PHE A 220 -13.81 -15.52 13.07
N GLN A 221 -14.04 -16.81 13.11
CA GLN A 221 -14.95 -17.37 14.13
C GLN A 221 -14.17 -17.87 15.35
N PHE A 222 -13.11 -18.65 15.11
CA PHE A 222 -12.42 -19.32 16.21
C PHE A 222 -11.05 -18.72 16.63
N SER A 223 -10.61 -17.66 15.94
CA SER A 223 -9.34 -17.04 16.32
C SER A 223 -8.18 -18.00 16.15
N ARG A 224 -8.28 -18.85 15.13
CA ARG A 224 -7.39 -20.00 15.03
C ARG A 224 -6.69 -20.06 13.64
N MET A 225 -5.38 -20.22 13.59
CA MET A 225 -4.72 -20.41 12.29
C MET A 225 -5.02 -21.81 11.76
N PRO A 226 -5.14 -21.92 10.44
CA PRO A 226 -5.11 -23.25 9.82
C PRO A 226 -3.91 -24.10 10.24
N ASP A 227 -4.07 -25.42 10.23
CA ASP A 227 -2.95 -26.32 10.44
C ASP A 227 -1.80 -26.05 9.47
N ASP A 228 -0.60 -25.94 10.02
CA ASP A 228 0.59 -25.69 9.21
C ASP A 228 0.58 -24.31 8.52
N PHE A 229 -0.01 -23.29 9.18
CA PHE A 229 -0.12 -21.94 8.61
C PHE A 229 1.24 -21.29 8.57
N PHE A 230 1.61 -20.87 7.35
CA PHE A 230 2.76 -20.00 7.12
C PHE A 230 2.28 -18.53 6.96
N ARG A 231 2.94 -17.61 7.66
CA ARG A 231 2.70 -16.19 7.41
C ARG A 231 3.13 -15.73 5.98
N ALA A 232 2.54 -14.61 5.55
CA ALA A 232 2.95 -13.93 4.35
C ALA A 232 4.47 -13.87 4.14
N PRO A 233 4.90 -13.93 2.86
CA PRO A 233 6.32 -13.95 2.49
C PRO A 233 7.01 -12.59 2.61
N SER A 234 6.26 -11.53 2.89
CA SER A 234 6.92 -10.25 3.15
C SER A 234 5.90 -9.33 3.84
N PRO A 235 6.36 -8.18 4.37
CA PRO A 235 5.42 -7.38 5.18
C PRO A 235 4.40 -6.73 4.29
N ARG A 236 3.16 -6.68 4.76
CA ARG A 236 2.15 -5.93 4.03
C ARG A 236 0.97 -5.59 4.93
N SER A 237 0.07 -4.75 4.43
CA SER A 237 -1.17 -4.52 5.15
C SER A 237 -2.29 -4.34 4.15
N GLY A 238 -2.52 -3.09 3.73
CA GLY A 238 -3.72 -2.80 2.92
C GLY A 238 -3.48 -2.59 1.43
N THR A 239 -2.45 -3.20 0.89
CA THR A 239 -2.30 -3.30 -0.57
C THR A 239 -3.62 -3.70 -1.28
N GLY A 240 -4.03 -2.86 -2.22
CA GLY A 240 -5.19 -3.10 -3.05
C GLY A 240 -6.45 -2.41 -2.55
N VAL A 241 -6.33 -1.56 -1.54
CA VAL A 241 -7.52 -0.88 -1.03
C VAL A 241 -8.20 -0.12 -2.15
N GLU A 242 -7.42 0.40 -3.10
CA GLU A 242 -7.98 1.14 -4.23
C GLU A 242 -8.93 0.27 -5.05
N VAL A 243 -8.68 -1.04 -5.12
CA VAL A 243 -9.67 -1.94 -5.73
C VAL A 243 -11.04 -1.88 -5.05
N VAL A 244 -11.02 -1.76 -3.74
CA VAL A 244 -12.24 -1.86 -2.95
C VAL A 244 -12.96 -0.52 -2.96
N ILE A 245 -12.19 0.56 -2.83
CA ILE A 245 -12.77 1.88 -3.02
C ILE A 245 -13.40 2.04 -4.44
N GLN A 246 -12.72 1.59 -5.50
CA GLN A 246 -13.16 1.92 -6.86
C GLN A 246 -14.34 1.10 -7.31
N ALA A 247 -14.55 -0.06 -6.69
CA ALA A 247 -15.71 -0.88 -7.04
C ALA A 247 -17.02 -0.18 -6.82
N HIS A 248 -17.14 0.57 -5.73
CA HIS A 248 -18.44 1.13 -5.37
C HIS A 248 -18.30 2.49 -4.69
N PRO A 249 -18.03 3.54 -5.51
CA PRO A 249 -17.82 4.92 -5.06
C PRO A 249 -18.80 5.35 -4.00
N MET A 250 -18.27 5.87 -2.91
CA MET A 250 -19.08 6.11 -1.73
C MET A 250 -18.57 7.35 -1.02
N GLN A 251 -19.47 8.27 -0.66
CA GLN A 251 -19.03 9.50 0.00
C GLN A 251 -19.33 9.35 1.50
N PRO A 252 -18.49 9.93 2.36
CA PRO A 252 -18.67 9.79 3.79
C PRO A 252 -20.01 10.42 4.20
N GLY A 253 -20.70 9.79 5.15
CA GLY A 253 -21.97 10.32 5.60
C GLY A 253 -22.59 9.58 6.77
N ARG A 254 -23.86 9.85 7.05
CA ARG A 254 -24.54 9.22 8.19
C ARG A 254 -26.06 9.26 8.01
N ASN A 255 -26.73 8.26 8.58
CA ASN A 255 -28.17 8.35 8.74
C ASN A 255 -28.44 9.48 9.71
N VAL A 256 -29.53 10.22 9.52
CA VAL A 256 -29.87 11.30 10.46
C VAL A 256 -31.06 10.90 11.34
N GLY A 257 -30.78 10.13 12.37
CA GLY A 257 -31.79 9.72 13.33
C GLY A 257 -32.87 8.79 12.81
N LYS A 258 -32.82 8.44 11.52
CA LYS A 258 -33.71 7.38 11.02
C LYS A 258 -33.11 6.55 9.90
N ILE A 259 -33.69 5.38 9.64
CA ILE A 259 -33.21 4.54 8.58
C ILE A 259 -33.37 5.19 7.20
N ASN A 260 -32.57 4.71 6.25
CA ASN A 260 -32.58 5.27 4.91
C ASN A 260 -32.61 6.81 4.89
N SER A 261 -31.73 7.47 5.63
CA SER A 261 -31.68 8.90 5.54
C SER A 261 -30.23 9.37 5.35
N TYR A 262 -29.48 8.59 4.59
CA TYR A 262 -28.03 8.76 4.57
C TYR A 262 -27.70 10.09 3.90
N THR A 263 -26.88 10.91 4.54
CA THR A 263 -26.73 12.30 4.15
C THR A 263 -25.26 12.57 4.15
N VAL A 264 -24.74 12.91 2.98
CA VAL A 264 -23.30 13.12 2.85
C VAL A 264 -22.88 14.21 3.83
N ASP A 265 -21.74 14.04 4.47
CA ASP A 265 -21.18 15.09 5.32
C ASP A 265 -19.96 15.69 4.67
N PRO A 266 -20.08 16.94 4.19
CA PRO A 266 -19.02 17.61 3.44
C PRO A 266 -17.87 18.07 4.37
N THR A 267 -18.10 18.01 5.68
CA THR A 267 -16.99 18.27 6.61
C THR A 267 -16.11 17.05 6.88
N SER A 268 -16.54 15.87 6.48
CA SER A 268 -15.75 14.65 6.79
C SER A 268 -14.51 14.61 5.89
N SER A 269 -13.39 14.13 6.40
CA SER A 269 -12.30 13.72 5.50
C SER A 269 -12.82 12.61 4.61
N ASP A 270 -12.13 12.38 3.49
CA ASP A 270 -12.24 11.14 2.72
C ASP A 270 -10.85 10.74 2.22
N PHE A 271 -10.79 9.88 1.20
CA PHE A 271 -9.48 9.38 0.74
C PHE A 271 -8.52 10.39 0.13
N SER A 272 -9.08 11.45 -0.45
CA SER A 272 -8.26 12.55 -0.93
C SER A 272 -7.73 13.44 0.20
N THR A 273 -8.21 13.26 1.45
CA THR A 273 -7.82 14.18 2.53
C THR A 273 -7.37 13.45 3.82
N PRO A 274 -6.34 12.62 3.71
CA PRO A 274 -5.85 11.83 4.87
C PRO A 274 -5.38 12.72 6.02
N CYS A 275 -4.89 13.93 5.72
CA CYS A 275 -4.40 14.75 6.81
C CYS A 275 -5.48 15.50 7.61
N LEU A 276 -6.62 15.81 6.99
CA LEU A 276 -7.81 16.24 7.71
C LEU A 276 -8.28 15.10 8.65
N MET A 277 -8.18 13.87 8.19
CA MET A 277 -8.56 12.75 9.04
C MET A 277 -7.60 12.64 10.23
N TYR A 278 -6.30 12.70 9.98
CA TYR A 278 -5.34 12.79 11.05
C TYR A 278 -5.59 13.94 12.05
N GLU A 279 -5.78 15.15 11.53
CA GLU A 279 -6.03 16.32 12.39
C GLU A 279 -7.30 16.24 13.25
N LYS A 280 -8.39 15.72 12.69
CA LYS A 280 -9.63 15.58 13.48
C LYS A 280 -9.54 14.49 14.55
N PHE A 281 -8.88 13.38 14.22
CA PHE A 281 -8.65 12.35 15.20
C PHE A 281 -7.94 12.93 16.46
N VAL A 282 -6.87 13.68 16.23
CA VAL A 282 -6.02 14.16 17.31
C VAL A 282 -6.70 15.38 17.92
N ASN A 283 -7.18 16.29 17.09
CA ASN A 283 -7.60 17.60 17.61
C ASN A 283 -9.05 17.62 18.08
N ILE A 284 -9.83 16.62 17.68
CA ILE A 284 -11.20 16.51 18.16
C ILE A 284 -11.46 15.26 19.01
N THR A 285 -11.24 14.08 18.42
CA THR A 285 -11.44 12.84 19.12
C THR A 285 -10.58 12.69 20.38
N VAL A 286 -9.25 12.75 20.25
CA VAL A 286 -8.41 12.54 21.40
C VAL A 286 -8.57 13.71 22.37
N LYS A 287 -8.53 14.93 21.85
CA LYS A 287 -8.68 16.10 22.70
C LYS A 287 -9.96 16.14 23.51
N SER A 288 -11.08 15.68 22.96
CA SER A 288 -12.31 15.61 23.73
C SER A 288 -12.28 14.54 24.83
N LEU A 289 -11.51 13.46 24.66
CA LEU A 289 -11.39 12.45 25.72
C LEU A 289 -10.51 12.99 26.83
N TYR A 290 -9.58 13.89 26.47
CA TYR A 290 -8.62 14.43 27.40
C TYR A 290 -8.53 15.96 27.30
N PRO A 291 -9.59 16.66 27.74
CA PRO A 291 -9.64 18.08 27.41
C PRO A 291 -8.69 18.89 28.26
N ASN A 292 -8.38 18.39 29.46
CA ASN A 292 -7.54 19.16 30.39
C ASN A 292 -6.56 18.33 31.24
N PRO A 293 -5.62 17.63 30.60
CA PRO A 293 -4.91 16.63 31.35
C PRO A 293 -3.97 17.25 32.41
N THR A 294 -3.73 16.49 33.46
CA THR A 294 -2.67 16.79 34.42
C THR A 294 -1.33 16.69 33.74
N VAL A 295 -0.29 17.18 34.42
CA VAL A 295 1.07 17.13 33.88
C VAL A 295 1.47 15.69 33.47
N GLN A 296 1.14 14.73 34.31
CA GLN A 296 1.61 13.37 34.10
C GLN A 296 0.91 12.73 32.86
N LEU A 297 -0.40 12.98 32.73
CA LEU A 297 -1.21 12.48 31.62
C LEU A 297 -0.87 13.22 30.33
N ARG A 298 -0.63 14.52 30.42
CA ARG A 298 -0.22 15.29 29.26
C ARG A 298 1.06 14.74 28.62
N LYS A 299 2.05 14.47 29.47
CA LYS A 299 3.26 13.86 29.00
C LYS A 299 3.05 12.45 28.38
N ALA A 300 2.18 11.61 28.95
CA ALA A 300 1.90 10.32 28.31
C ALA A 300 1.19 10.52 26.96
N LEU A 301 0.28 11.49 26.91
CA LEU A 301 -0.45 11.80 25.69
C LEU A 301 0.51 12.26 24.60
N ASN A 302 1.44 13.15 24.93
CA ASN A 302 2.38 13.66 23.91
C ASN A 302 3.31 12.58 23.36
N THR A 303 3.80 11.71 24.21
CA THR A 303 4.61 10.58 23.73
C THR A 303 3.85 9.67 22.76
N ASN A 304 2.61 9.32 23.10
CA ASN A 304 1.80 8.43 22.24
C ASN A 304 1.31 9.12 20.95
N LEU A 305 1.07 10.44 21.04
CA LEU A 305 0.73 11.25 19.87
C LEU A 305 1.88 11.30 18.88
N ASP A 306 3.11 11.40 19.40
CA ASP A 306 4.32 11.35 18.56
C ASP A 306 4.39 10.00 17.85
N PHE A 307 4.18 8.91 18.59
CA PHE A 307 4.37 7.55 18.00
C PHE A 307 3.24 7.36 16.98
N PHE A 308 2.04 7.78 17.33
CA PHE A 308 0.92 7.75 16.39
C PHE A 308 1.28 8.49 15.08
N PHE A 309 1.76 9.73 15.22
CA PHE A 309 2.13 10.53 14.02
C PHE A 309 3.14 9.83 13.10
N GLN A 310 4.04 9.02 13.65
CA GLN A 310 4.99 8.36 12.81
C GLN A 310 4.41 7.26 11.95
N GLY A 311 3.24 6.71 12.31
CA GLY A 311 2.60 5.65 11.55
C GLY A 311 1.61 6.13 10.50
N VAL A 312 1.41 7.45 10.39
CA VAL A 312 0.40 8.01 9.50
C VAL A 312 0.89 7.84 8.04
N ALA A 313 0.20 7.02 7.27
CA ALA A 313 0.63 6.61 5.92
C ALA A 313 0.93 7.84 5.02
N ALA A 314 0.02 8.82 5.00
CA ALA A 314 0.21 9.96 4.09
C ALA A 314 1.30 10.96 4.53
N GLY A 315 1.86 10.74 5.71
CA GLY A 315 2.96 11.61 6.16
C GLY A 315 2.47 12.79 7.00
N CYS A 316 1.86 13.79 6.35
CA CYS A 316 1.18 14.88 7.03
C CYS A 316 2.07 15.86 7.82
N THR A 317 1.44 16.88 8.37
CA THR A 317 2.13 17.81 9.27
C THR A 317 1.66 17.53 10.69
N GLN A 318 2.59 17.45 11.64
CA GLN A 318 2.23 17.09 12.98
C GLN A 318 1.38 18.19 13.65
N VAL A 319 0.34 17.77 14.35
CA VAL A 319 -0.60 18.66 15.02
C VAL A 319 -0.33 18.47 16.54
N PHE A 320 -0.38 19.56 17.31
CA PHE A 320 -0.04 19.54 18.74
C PHE A 320 -1.19 20.01 19.63
N PRO A 321 -2.04 19.08 20.15
CA PRO A 321 -3.18 19.63 20.88
C PRO A 321 -2.80 20.21 22.24
N TYR A 322 -1.65 19.83 22.79
CA TYR A 322 -1.29 20.28 24.13
C TYR A 322 0.02 21.08 24.08
N GLY A 323 0.47 21.40 22.89
CA GLY A 323 1.69 22.18 22.74
C GLY A 323 2.85 21.25 22.41
N ARG A 324 3.98 21.86 22.01
CA ARG A 324 5.20 21.10 21.79
C ARG A 324 5.97 20.89 23.09
N ASP A 325 5.80 21.82 24.04
CA ASP A 325 6.63 21.83 25.24
C ASP A 325 6.72 20.44 25.89
N LEU B 1 15.53 -17.84 -8.05
CA LEU B 1 14.41 -17.00 -7.51
C LEU B 1 14.76 -15.50 -7.49
N PRO B 2 13.71 -14.65 -7.46
CA PRO B 2 13.82 -13.25 -7.06
C PRO B 2 14.28 -13.22 -5.62
N PRO B 3 15.18 -12.27 -5.28
CA PRO B 3 15.50 -12.08 -3.86
C PRO B 3 14.19 -11.93 -3.04
N GLY B 4 14.21 -12.47 -1.83
CA GLY B 4 13.19 -12.21 -0.83
C GLY B 4 13.38 -10.86 -0.14
N PRO B 5 12.52 -10.54 0.81
CA PRO B 5 12.60 -9.22 1.46
C PRO B 5 13.92 -8.94 2.20
N LEU B 6 14.17 -7.68 2.50
CA LEU B 6 15.45 -7.25 3.05
C LEU B 6 15.61 -7.78 4.49
N GLU B 7 16.78 -8.34 4.77
CA GLU B 7 17.17 -8.64 6.14
C GLU B 7 17.46 -7.30 6.79
N ASN B 8 16.96 -7.12 7.99
CA ASN B 8 17.06 -5.81 8.62
C ASN B 8 16.81 -4.63 7.68
N SER B 9 15.57 -4.14 7.68
CA SER B 9 15.16 -3.12 6.74
C SER B 9 14.93 -1.79 7.41
N SER B 10 15.72 -1.50 8.44
CA SER B 10 15.61 -0.19 9.08
C SER B 10 16.32 0.92 8.30
N ALA B 11 16.26 2.12 8.85
CA ALA B 11 16.78 3.30 8.20
C ALA B 11 18.29 3.37 8.47
N LYS B 12 19.04 3.74 7.45
CA LYS B 12 20.48 3.75 7.61
C LYS B 12 21.06 4.62 6.52
N LEU B 13 22.28 5.08 6.72
CA LEU B 13 22.97 5.88 5.71
C LEU B 13 23.12 5.03 4.44
N VAL B 14 22.69 5.54 3.30
CA VAL B 14 22.92 4.85 2.01
C VAL B 14 23.79 5.67 1.04
N ASN B 15 23.96 6.97 1.29
CA ASN B 15 24.94 7.75 0.54
C ASN B 15 26.29 7.72 1.29
N ASP B 16 26.91 6.54 1.39
CA ASP B 16 28.13 6.36 2.20
C ASP B 16 29.41 6.28 1.37
N GLU B 17 30.50 5.93 2.04
CA GLU B 17 31.82 5.89 1.39
CA GLU B 17 31.84 5.86 1.42
C GLU B 17 31.88 4.81 0.31
N ALA B 18 31.24 3.68 0.56
CA ALA B 18 31.21 2.61 -0.44
C ALA B 18 30.27 2.90 -1.65
N HIS B 19 29.38 3.88 -1.53
CA HIS B 19 28.42 4.16 -2.60
C HIS B 19 28.39 5.65 -3.00
N PRO B 20 29.53 6.20 -3.46
CA PRO B 20 29.54 7.63 -3.81
C PRO B 20 28.84 7.89 -5.13
N TRP B 21 28.33 9.10 -5.32
CA TRP B 21 27.87 9.53 -6.63
C TRP B 21 29.08 9.69 -7.55
N LYS B 22 28.97 9.24 -8.81
CA LYS B 22 29.97 9.57 -9.83
C LYS B 22 29.34 10.11 -11.10
N PRO B 23 30.11 10.94 -11.81
CA PRO B 23 29.57 11.47 -13.06
C PRO B 23 29.39 10.33 -14.05
N LEU B 24 28.49 10.50 -15.01
CA LEU B 24 28.35 9.52 -16.08
C LEU B 24 29.67 9.40 -16.86
N ARG B 25 30.14 8.18 -17.10
CA ARG B 25 31.25 7.94 -18.00
C ARG B 25 30.76 7.14 -19.21
N PRO B 26 30.62 7.81 -20.37
CA PRO B 26 30.25 7.19 -21.67
C PRO B 26 30.40 5.65 -21.76
N GLY B 27 29.36 5.00 -22.28
CA GLY B 27 29.02 3.65 -21.85
C GLY B 27 27.82 3.61 -20.89
N ASP B 28 27.65 4.66 -20.08
CA ASP B 28 26.75 4.60 -18.94
C ASP B 28 25.37 4.98 -19.43
N ILE B 29 24.35 4.23 -19.05
CA ILE B 29 23.04 4.44 -19.64
C ILE B 29 22.08 4.88 -18.57
N ARG B 30 21.40 5.99 -18.82
CA ARG B 30 20.39 6.45 -17.88
C ARG B 30 19.05 6.62 -18.61
N GLY B 31 17.95 6.46 -17.86
CA GLY B 31 16.63 6.38 -18.52
C GLY B 31 15.58 7.24 -17.86
N PRO B 32 14.31 6.82 -17.96
CA PRO B 32 13.08 7.52 -17.49
C PRO B 32 12.79 7.43 -15.97
N CYS B 33 13.47 6.53 -15.27
CA CYS B 33 13.30 6.23 -13.84
C CYS B 33 14.38 6.84 -12.94
N PRO B 34 13.98 7.82 -12.11
CA PRO B 34 14.92 8.51 -11.22
C PRO B 34 15.37 7.60 -10.09
N GLY B 35 14.55 6.62 -9.73
CA GLY B 35 14.96 5.65 -8.73
C GLY B 35 16.14 4.81 -9.24
N LEU B 36 15.96 4.16 -10.38
CA LEU B 36 16.98 3.32 -11.01
C LEU B 36 18.21 4.15 -11.47
N ASN B 37 17.99 5.34 -12.00
CA ASN B 37 19.13 6.19 -12.36
C ASN B 37 20.04 6.49 -11.21
N THR B 38 19.43 6.83 -10.08
CA THR B 38 20.19 7.24 -8.91
C THR B 38 20.89 6.06 -8.27
N LEU B 39 20.22 4.91 -8.23
CA LEU B 39 20.91 3.73 -7.78
C LEU B 39 22.12 3.36 -8.69
N ALA B 40 21.99 3.54 -9.98
CA ALA B 40 23.13 3.23 -10.84
C ALA B 40 24.25 4.24 -10.55
N SER B 41 23.88 5.52 -10.39
CA SER B 41 24.86 6.55 -10.13
C SER B 41 25.53 6.52 -8.78
N HIS B 42 25.00 5.75 -7.83
CA HIS B 42 25.72 5.51 -6.60
C HIS B 42 26.36 4.12 -6.51
N GLY B 43 26.33 3.36 -7.61
CA GLY B 43 26.87 1.99 -7.60
C GLY B 43 26.05 0.93 -6.87
N TYR B 44 24.82 1.23 -6.46
CA TYR B 44 23.94 0.14 -5.98
C TYR B 44 23.63 -0.83 -7.11
N LEU B 45 23.40 -0.28 -8.29
CA LEU B 45 23.26 -1.09 -9.50
C LEU B 45 24.58 -0.95 -10.22
N PRO B 46 24.78 -1.71 -11.32
CA PRO B 46 26.01 -1.45 -12.13
C PRO B 46 25.96 -0.06 -12.73
N ARG B 47 27.10 0.65 -12.69
CA ARG B 47 27.17 2.07 -12.99
C ARG B 47 26.89 2.35 -14.43
N ASN B 48 27.04 1.33 -15.26
CA ASN B 48 26.74 1.51 -16.67
C ASN B 48 25.23 1.39 -16.97
N GLY B 49 24.43 1.01 -15.98
CA GLY B 49 22.97 1.04 -16.16
C GLY B 49 22.36 -0.17 -16.91
N VAL B 50 23.08 -1.28 -16.86
CA VAL B 50 22.57 -2.53 -17.40
C VAL B 50 22.68 -3.57 -16.29
N ALA B 51 21.61 -4.28 -16.00
CA ALA B 51 21.61 -5.12 -14.81
C ALA B 51 20.70 -6.30 -15.05
N THR B 52 20.91 -7.36 -14.28
CA THR B 52 19.97 -8.46 -14.18
C THR B 52 18.77 -8.15 -13.26
N PRO B 53 17.67 -8.91 -13.40
CA PRO B 53 16.58 -8.74 -12.46
C PRO B 53 17.03 -8.89 -11.02
N VAL B 54 17.84 -9.91 -10.72
CA VAL B 54 18.29 -10.07 -9.34
C VAL B 54 19.04 -8.83 -8.82
N GLN B 55 19.93 -8.27 -9.63
CA GLN B 55 20.66 -7.06 -9.23
C GLN B 55 19.74 -5.86 -8.96
N ILE B 56 18.71 -5.72 -9.75
CA ILE B 56 17.83 -4.58 -9.64
C ILE B 56 16.99 -4.67 -8.37
N ILE B 57 16.52 -5.85 -8.06
CA ILE B 57 15.71 -6.03 -6.85
C ILE B 57 16.53 -5.84 -5.56
N ASN B 58 17.75 -6.38 -5.55
CA ASN B 58 18.67 -6.20 -4.44
C ASN B 58 19.02 -4.76 -4.33
N ALA B 59 19.21 -4.08 -5.45
CA ALA B 59 19.53 -2.66 -5.38
C ALA B 59 18.38 -1.81 -4.88
N VAL B 60 17.15 -2.04 -5.35
CA VAL B 60 16.05 -1.12 -4.95
C VAL B 60 15.72 -1.31 -3.48
N GLN B 61 15.89 -2.53 -2.98
CA GLN B 61 15.65 -2.83 -1.58
C GLN B 61 16.75 -2.27 -0.67
N GLU B 62 18.01 -2.53 -1.00
CA GLU B 62 19.09 -2.07 -0.11
C GLU B 62 19.34 -0.57 -0.19
N GLY B 63 19.19 0.02 -1.37
CA GLY B 63 19.43 1.41 -1.52
C GLY B 63 18.30 2.28 -1.01
N LEU B 64 17.06 1.87 -1.26
CA LEU B 64 15.94 2.80 -1.04
C LEU B 64 14.80 2.19 -0.19
N ASN B 65 14.96 0.92 0.18
CA ASN B 65 13.95 0.22 0.94
C ASN B 65 12.63 0.04 0.17
N PHE B 66 12.73 0.00 -1.15
CA PHE B 66 11.60 -0.42 -1.98
C PHE B 66 11.06 -1.78 -1.56
N ASP B 67 9.76 -1.91 -1.35
CA ASP B 67 9.30 -3.20 -0.83
C ASP B 67 9.28 -4.31 -1.87
N ASN B 68 9.33 -5.55 -1.39
CA ASN B 68 9.65 -6.70 -2.21
C ASN B 68 8.59 -6.98 -3.27
N GLN B 69 7.31 -6.83 -2.94
CA GLN B 69 6.26 -7.16 -3.91
C GLN B 69 6.35 -6.20 -5.10
N ALA B 70 6.41 -4.91 -4.82
CA ALA B 70 6.54 -3.89 -5.90
C ALA B 70 7.85 -4.05 -6.73
N ALA B 71 8.95 -4.40 -6.06
CA ALA B 71 10.24 -4.52 -6.75
C ALA B 71 10.17 -5.71 -7.76
N VAL B 72 9.55 -6.80 -7.34
CA VAL B 72 9.36 -7.96 -8.21
C VAL B 72 8.38 -7.68 -9.34
N PHE B 73 7.21 -7.13 -9.00
CA PHE B 73 6.26 -6.73 -10.02
C PHE B 73 6.86 -5.85 -11.13
N ALA B 74 7.46 -4.73 -10.75
CA ALA B 74 7.98 -3.83 -11.75
C ALA B 74 9.18 -4.43 -12.50
N THR B 75 10.09 -5.07 -11.76
CA THR B 75 11.33 -5.58 -12.38
C THR B 75 11.06 -6.66 -13.45
N TYR B 76 10.29 -7.69 -13.10
CA TYR B 76 9.93 -8.68 -14.13
C TYR B 76 8.99 -8.19 -15.25
N ALA B 77 8.07 -7.28 -14.91
CA ALA B 77 7.24 -6.68 -15.97
C ALA B 77 8.16 -6.01 -16.99
N ALA B 78 9.06 -5.15 -16.51
CA ALA B 78 9.96 -4.46 -17.41
C ALA B 78 10.92 -5.40 -18.14
N HIS B 79 11.38 -6.44 -17.47
CA HIS B 79 12.29 -7.40 -18.12
C HIS B 79 11.57 -8.18 -19.22
N LEU B 80 10.35 -8.62 -18.94
CA LEU B 80 9.57 -9.31 -19.96
C LEU B 80 9.43 -8.51 -21.26
N VAL B 81 9.18 -7.19 -21.16
CA VAL B 81 8.86 -6.43 -22.34
C VAL B 81 10.04 -5.64 -22.93
N ASP B 82 11.04 -5.38 -22.10
CA ASP B 82 12.09 -4.45 -22.46
C ASP B 82 13.47 -5.14 -22.35
N GLY B 83 13.52 -6.31 -21.73
CA GLY B 83 14.83 -6.92 -21.43
C GLY B 83 15.19 -8.10 -22.32
N ASN B 84 16.42 -8.57 -22.20
CA ASN B 84 16.84 -9.76 -22.91
C ASN B 84 16.65 -11.00 -22.05
N LEU B 85 15.71 -11.84 -22.41
CA LEU B 85 15.35 -12.95 -21.51
C LEU B 85 16.43 -14.04 -21.54
N ILE B 86 17.27 -14.06 -22.55
CA ILE B 86 18.30 -15.13 -22.68
C ILE B 86 19.59 -14.76 -21.94
N THR B 87 20.08 -13.54 -22.10
CA THR B 87 21.26 -13.12 -21.36
C THR B 87 20.90 -12.71 -19.94
N ASP B 88 19.60 -12.42 -19.73
CA ASP B 88 19.07 -12.00 -18.44
C ASP B 88 19.51 -10.58 -18.06
N LEU B 89 19.53 -9.67 -19.03
CA LEU B 89 20.04 -8.33 -18.80
C LEU B 89 19.01 -7.31 -19.29
N LEU B 90 18.84 -6.24 -18.52
CA LEU B 90 17.91 -5.15 -18.85
C LEU B 90 18.65 -3.79 -18.78
N SER B 91 18.53 -3.00 -19.84
CA SER B 91 18.98 -1.60 -19.84
C SER B 91 17.96 -0.73 -19.13
N ILE B 92 18.40 0.08 -18.17
CA ILE B 92 17.51 1.05 -17.56
C ILE B 92 17.26 2.26 -18.48
N GLY B 93 17.68 2.17 -19.73
CA GLY B 93 17.56 3.33 -20.62
C GLY B 93 17.36 2.91 -22.07
N ARG B 94 18.24 3.41 -22.95
CA ARG B 94 18.18 3.09 -24.35
C ARG B 94 18.49 1.63 -24.60
N LYS B 95 18.05 1.19 -25.78
CA LYS B 95 18.43 -0.08 -26.34
C LYS B 95 19.94 -0.09 -26.65
N THR B 96 20.62 -1.20 -26.38
CA THR B 96 22.09 -1.18 -26.34
C THR B 96 22.58 -2.58 -26.68
N ARG B 97 23.73 -2.69 -27.31
CA ARG B 97 24.34 -4.01 -27.46
C ARG B 97 24.84 -4.59 -26.13
N LEU B 98 24.82 -3.80 -25.05
CA LEU B 98 25.29 -4.29 -23.72
C LEU B 98 24.33 -5.30 -23.10
N THR B 99 23.11 -5.40 -23.64
CA THR B 99 22.25 -6.50 -23.16
C THR B 99 22.44 -7.80 -23.92
N GLY B 100 23.35 -7.81 -24.91
CA GLY B 100 23.61 -9.04 -25.64
C GLY B 100 22.92 -9.12 -27.02
N PRO B 101 23.06 -10.26 -27.69
CA PRO B 101 22.42 -10.48 -28.99
C PRO B 101 20.90 -10.63 -28.86
N ASP B 102 20.17 -9.97 -29.75
CA ASP B 102 18.71 -9.90 -29.71
C ASP B 102 18.06 -11.23 -30.10
N PRO B 103 16.84 -11.48 -29.58
CA PRO B 103 15.90 -12.50 -30.09
C PRO B 103 15.27 -12.06 -31.40
N PRO B 104 14.53 -12.95 -32.05
CA PRO B 104 13.86 -12.62 -33.31
C PRO B 104 12.75 -11.57 -33.16
N PRO B 105 12.47 -10.82 -34.24
CA PRO B 105 11.22 -10.06 -34.34
C PRO B 105 9.98 -10.92 -33.99
N PRO B 106 8.94 -10.29 -33.44
CA PRO B 106 8.89 -8.83 -33.27
C PRO B 106 9.28 -8.34 -31.87
N ALA B 107 10.07 -9.09 -31.13
CA ALA B 107 10.61 -8.60 -29.87
C ALA B 107 11.55 -7.39 -30.08
N SER B 108 11.48 -6.39 -29.21
CA SER B 108 12.22 -5.15 -29.37
C SER B 108 13.48 -5.08 -28.47
N VAL B 109 13.37 -5.60 -27.24
CA VAL B 109 14.43 -5.48 -26.26
C VAL B 109 14.97 -4.07 -26.22
N GLY B 110 14.04 -3.13 -26.09
CA GLY B 110 14.35 -1.73 -26.33
C GLY B 110 14.84 -0.94 -25.12
N GLY B 111 15.02 -1.59 -23.98
CA GLY B 111 15.35 -0.89 -22.72
C GLY B 111 14.11 -0.24 -22.10
N LEU B 112 14.26 0.37 -20.93
CA LEU B 112 13.18 1.13 -20.30
C LEU B 112 12.74 2.34 -21.12
N ASN B 113 13.58 2.82 -22.05
CA ASN B 113 13.19 3.96 -22.91
C ASN B 113 12.11 3.56 -23.97
N GLU B 114 11.84 2.28 -24.12
CA GLU B 114 10.95 1.86 -25.20
C GLU B 114 9.53 2.36 -24.88
N HIS B 115 9.00 3.20 -25.74
CA HIS B 115 7.70 3.79 -25.49
C HIS B 115 6.53 2.76 -25.54
N GLY B 116 5.70 2.71 -24.49
CA GLY B 116 4.40 2.01 -24.58
C GLY B 116 4.40 0.56 -24.10
N THR B 117 5.57 0.03 -23.76
CA THR B 117 5.64 -1.28 -23.10
C THR B 117 5.50 -1.10 -21.59
N PHE B 118 6.44 -0.36 -20.99
CA PHE B 118 6.37 0.06 -19.58
C PHE B 118 6.28 1.59 -19.50
N GLU B 119 7.23 2.29 -20.12
CA GLU B 119 7.19 3.75 -20.18
C GLU B 119 5.97 4.25 -20.91
N GLY B 120 5.49 5.43 -20.50
CA GLY B 120 4.35 5.99 -21.16
C GLY B 120 4.09 7.43 -20.76
N ASP B 121 2.90 7.90 -21.13
CA ASP B 121 2.57 9.34 -21.22
C ASP B 121 2.25 9.98 -19.85
N ALA B 122 2.22 11.32 -19.81
CA ALA B 122 1.91 12.06 -18.61
C ALA B 122 2.86 11.74 -17.45
N SER B 123 4.15 11.55 -17.77
CA SER B 123 5.18 11.52 -16.69
C SER B 123 5.32 12.89 -16.06
N MET B 124 5.82 12.91 -14.83
CA MET B 124 6.01 14.13 -14.07
C MET B 124 7.15 15.03 -14.60
N THR B 125 8.32 14.47 -14.89
CA THR B 125 9.50 15.28 -15.18
C THR B 125 10.07 14.98 -16.58
N ARG B 126 9.39 14.11 -17.32
CA ARG B 126 9.83 13.68 -18.65
C ARG B 126 8.68 13.90 -19.61
N GLY B 127 9.03 14.26 -20.85
CA GLY B 127 8.04 14.55 -21.88
C GLY B 127 7.47 13.30 -22.50
N ASP B 128 6.26 13.41 -23.06
CA ASP B 128 5.68 12.30 -23.81
C ASP B 128 6.57 11.94 -25.00
N ALA B 129 6.63 10.65 -25.33
CA ALA B 129 7.37 10.17 -26.49
C ALA B 129 6.99 10.90 -27.78
N PHE B 130 5.70 11.19 -27.97
CA PHE B 130 5.26 11.90 -29.17
C PHE B 130 6.08 13.16 -29.48
N PHE B 131 6.41 13.95 -28.46
CA PHE B 131 7.17 15.17 -28.70
C PHE B 131 8.68 14.95 -28.93
N GLY B 132 9.19 13.74 -28.75
CA GLY B 132 10.59 13.52 -29.12
C GLY B 132 11.51 12.75 -28.18
N ASN B 133 11.37 12.98 -26.89
CA ASN B 133 12.30 12.44 -25.92
C ASN B 133 11.57 12.02 -24.66
N ASN B 134 11.47 10.71 -24.40
CA ASN B 134 10.65 10.27 -23.27
C ASN B 134 11.41 10.09 -21.96
N HIS B 135 12.72 10.41 -21.96
CA HIS B 135 13.61 9.99 -20.85
C HIS B 135 14.46 11.05 -20.17
N ASP B 136 14.79 12.12 -20.88
CA ASP B 136 15.55 13.23 -20.28
C ASP B 136 14.72 14.04 -19.28
N PHE B 137 15.38 14.54 -18.23
CA PHE B 137 14.81 15.48 -17.31
C PHE B 137 14.39 16.73 -18.08
N ASN B 138 13.18 17.23 -17.82
CA ASN B 138 12.65 18.39 -18.54
C ASN B 138 12.39 19.49 -17.51
N GLU B 139 13.06 20.60 -17.70
CA GLU B 139 13.14 21.62 -16.69
C GLU B 139 11.82 22.36 -16.55
N THR B 140 11.07 22.47 -17.64
CA THR B 140 9.76 23.08 -17.54
C THR B 140 8.76 22.21 -16.77
N LEU B 141 8.89 20.89 -16.88
CA LEU B 141 8.02 20.03 -16.10
C LEU B 141 8.41 20.04 -14.61
N PHE B 142 9.70 20.07 -14.31
CA PHE B 142 10.08 20.08 -12.92
C PHE B 142 9.64 21.40 -12.28
N GLU B 143 9.70 22.49 -13.03
CA GLU B 143 9.33 23.81 -12.48
C GLU B 143 7.86 23.84 -12.17
N GLN B 144 7.06 23.10 -12.94
CA GLN B 144 5.63 22.99 -12.67
C GLN B 144 5.38 22.11 -11.43
N LEU B 145 6.21 21.11 -11.22
CA LEU B 145 6.22 20.37 -9.96
C LEU B 145 6.56 21.28 -8.78
N VAL B 146 7.55 22.15 -8.96
CA VAL B 146 7.95 23.12 -7.90
C VAL B 146 6.81 24.11 -7.60
N ASP B 147 6.20 24.64 -8.66
CA ASP B 147 4.96 25.43 -8.53
C ASP B 147 3.74 24.74 -7.83
N TYR B 148 3.41 23.51 -8.21
CA TYR B 148 2.37 22.78 -7.49
C TYR B 148 2.72 22.44 -6.04
N SER B 149 4.01 22.28 -5.76
CA SER B 149 4.41 22.10 -4.37
C SER B 149 4.24 23.35 -3.54
N ASN B 150 4.54 24.52 -4.11
CA ASN B 150 4.30 25.81 -3.41
C ASN B 150 2.79 26.01 -3.21
N ARG B 151 2.01 25.68 -4.23
CA ARG B 151 0.57 25.89 -4.11
C ARG B 151 -0.09 24.90 -3.18
N PHE B 152 0.29 23.64 -3.22
CA PHE B 152 -0.47 22.64 -2.49
C PHE B 152 0.27 21.92 -1.36
N GLY B 153 1.59 22.07 -1.29
CA GLY B 153 2.35 21.36 -0.24
C GLY B 153 3.19 22.25 0.62
N GLY B 154 2.83 23.52 0.73
CA GLY B 154 3.66 24.45 1.53
C GLY B 154 5.11 24.55 1.07
N GLY B 155 5.38 24.34 -0.22
CA GLY B 155 6.76 24.38 -0.70
C GLY B 155 7.42 23.01 -0.77
N LYS B 156 6.72 21.97 -0.27
CA LYS B 156 7.27 20.61 -0.30
C LYS B 156 6.36 19.73 -1.14
N TYR B 157 6.91 18.69 -1.75
CA TYR B 157 6.06 17.77 -2.50
C TYR B 157 5.54 16.74 -1.50
N ASN B 158 4.23 16.53 -1.48
CA ASN B 158 3.62 15.48 -0.64
C ASN B 158 2.45 14.89 -1.44
N LEU B 159 1.74 13.90 -0.89
CA LEU B 159 0.65 13.22 -1.64
C LEU B 159 -0.49 14.15 -2.09
N THR B 160 -0.66 15.27 -1.41
CA THR B 160 -1.66 16.23 -1.90
C THR B 160 -1.15 16.89 -3.18
N VAL B 161 0.09 17.33 -3.18
CA VAL B 161 0.71 17.78 -4.42
C VAL B 161 0.63 16.70 -5.50
N ALA B 162 0.96 15.47 -5.16
CA ALA B 162 0.92 14.38 -6.18
C ALA B 162 -0.45 14.29 -6.82
N GLY B 163 -1.52 14.31 -6.00
CA GLY B 163 -2.85 14.20 -6.60
C GLY B 163 -3.15 15.30 -7.64
N GLU B 164 -2.79 16.55 -7.32
CA GLU B 164 -3.09 17.66 -8.23
C GLU B 164 -2.15 17.65 -9.49
N LEU B 165 -0.92 17.21 -9.33
CA LEU B 165 0.05 17.24 -10.43
C LEU B 165 -0.21 16.11 -11.40
N ARG B 166 -0.52 14.95 -10.85
CA ARG B 166 -0.85 13.82 -11.67
C ARG B 166 -2.02 14.19 -12.59
N PHE B 167 -3.04 14.90 -12.09
CA PHE B 167 -4.20 15.22 -12.93
C PHE B 167 -3.83 16.33 -13.93
N LYS B 168 -3.16 17.36 -13.43
CA LYS B 168 -2.59 18.34 -14.35
C LYS B 168 -1.82 17.69 -15.53
N ARG B 169 -0.92 16.76 -15.23
CA ARG B 169 -0.14 16.16 -16.31
C ARG B 169 -1.02 15.44 -17.33
N ILE B 170 -2.06 14.76 -16.84
CA ILE B 170 -2.98 14.09 -17.75
C ILE B 170 -3.75 15.10 -18.63
N GLN B 171 -4.25 16.16 -18.02
CA GLN B 171 -4.87 17.23 -18.80
C GLN B 171 -3.91 17.89 -19.81
N ASP B 172 -2.64 18.10 -19.46
CA ASP B 172 -1.64 18.64 -20.41
C ASP B 172 -1.57 17.74 -21.64
N SER B 173 -1.37 16.43 -21.43
CA SER B 173 -1.31 15.49 -22.54
C SER B 173 -2.58 15.44 -23.40
N ILE B 174 -3.76 15.45 -22.78
CA ILE B 174 -5.00 15.49 -23.54
C ILE B 174 -5.05 16.70 -24.50
N ALA B 175 -4.57 17.84 -24.03
CA ALA B 175 -4.62 19.07 -24.80
C ALA B 175 -3.51 19.22 -25.86
N THR B 176 -2.42 18.45 -25.74
CA THR B 176 -1.22 18.75 -26.54
C THR B 176 -0.66 17.55 -27.31
N ASN B 177 -1.04 16.34 -26.90
CA ASN B 177 -0.53 15.12 -27.54
C ASN B 177 -1.61 14.32 -28.26
N PRO B 178 -1.61 14.35 -29.60
CA PRO B 178 -2.71 13.76 -30.36
C PRO B 178 -2.67 12.25 -30.26
N ASN B 179 -1.52 11.75 -29.77
CA ASN B 179 -1.36 10.30 -29.61
C ASN B 179 -1.52 9.87 -28.15
N PHE B 180 -1.91 10.78 -27.27
CA PHE B 180 -1.91 10.45 -25.84
C PHE B 180 -2.69 9.15 -25.64
N SER B 181 -2.07 8.24 -24.89
CA SER B 181 -2.70 7.00 -24.50
C SER B 181 -2.56 6.77 -23.00
N PHE B 182 -3.64 6.32 -22.35
CA PHE B 182 -3.65 6.24 -20.90
C PHE B 182 -4.54 5.09 -20.44
N VAL B 183 -4.14 3.87 -20.81
CA VAL B 183 -4.92 2.68 -20.60
C VAL B 183 -4.09 1.56 -19.95
N ASP B 184 -4.77 0.52 -19.44
CA ASP B 184 -4.12 -0.74 -19.05
C ASP B 184 -2.90 -0.51 -18.13
N PHE B 185 -1.76 -1.06 -18.52
CA PHE B 185 -0.55 -0.97 -17.69
C PHE B 185 -0.17 0.47 -17.28
N ARG B 186 -0.18 1.39 -18.24
CA ARG B 186 0.29 2.72 -17.99
C ARG B 186 -0.67 3.46 -17.05
N PHE B 187 -1.97 3.20 -17.23
CA PHE B 187 -2.97 3.83 -16.40
C PHE B 187 -2.71 3.44 -14.90
N PHE B 188 -2.49 2.15 -14.67
CA PHE B 188 -2.18 1.63 -13.34
C PHE B 188 -0.87 2.19 -12.75
N THR B 189 0.24 2.03 -13.47
CA THR B 189 1.55 2.48 -12.95
C THR B 189 1.68 3.98 -12.76
N ALA B 190 1.04 4.78 -13.60
CA ALA B 190 1.24 6.22 -13.52
C ALA B 190 0.88 6.77 -12.13
N TYR B 191 -0.19 6.25 -11.54
CA TYR B 191 -0.63 6.71 -10.22
C TYR B 191 0.35 6.32 -9.10
N GLY B 192 0.80 5.07 -9.11
CA GLY B 192 1.69 4.64 -8.05
C GLY B 192 2.99 5.43 -8.07
N GLU B 193 3.49 5.73 -9.27
CA GLU B 193 4.75 6.45 -9.38
C GLU B 193 4.75 7.82 -8.71
N THR B 194 3.57 8.45 -8.61
CA THR B 194 3.53 9.78 -8.08
C THR B 194 3.64 9.74 -6.59
N THR B 195 3.41 8.58 -5.99
CA THR B 195 3.59 8.48 -4.54
C THR B 195 5.07 8.28 -4.19
N PHE B 196 5.86 7.70 -5.11
CA PHE B 196 7.20 7.20 -4.67
C PHE B 196 8.10 8.34 -4.09
N PRO B 197 8.00 9.56 -4.64
CA PRO B 197 8.94 10.56 -4.15
C PRO B 197 8.62 10.96 -2.71
N ALA B 198 7.33 10.96 -2.36
CA ALA B 198 6.91 11.22 -1.00
C ALA B 198 7.24 10.08 -0.03
N ASN B 199 7.20 8.84 -0.51
CA ASN B 199 7.39 7.68 0.38
C ASN B 199 8.86 7.29 0.51
N LEU B 200 9.66 7.58 -0.51
CA LEU B 200 10.97 6.98 -0.66
C LEU B 200 12.16 7.98 -0.80
N PHE B 201 11.91 9.21 -1.27
CA PHE B 201 12.98 10.20 -1.48
C PHE B 201 13.12 11.12 -0.27
N VAL B 202 12.31 10.89 0.76
CA VAL B 202 12.31 11.70 1.96
C VAL B 202 13.25 11.06 2.99
N ASP B 203 14.17 11.84 3.57
CA ASP B 203 15.17 11.23 4.44
C ASP B 203 14.51 10.32 5.49
N GLY B 204 15.04 9.11 5.64
CA GLY B 204 14.40 8.12 6.45
C GLY B 204 14.39 8.42 7.94
N ARG B 205 15.19 9.39 8.40
CA ARG B 205 15.13 9.77 9.80
C ARG B 205 13.89 10.60 10.13
N ARG B 206 13.37 11.27 9.10
CA ARG B 206 12.17 12.14 9.21
C ARG B 206 10.91 11.36 8.80
N ASP B 207 10.91 10.86 7.56
CA ASP B 207 9.87 9.94 7.09
C ASP B 207 8.49 10.48 7.33
N ASP B 208 8.27 11.76 6.95
CA ASP B 208 6.98 12.41 7.13
C ASP B 208 6.33 12.77 5.80
N GLY B 209 6.76 12.13 4.69
CA GLY B 209 6.16 12.36 3.36
C GLY B 209 6.18 13.81 2.83
N GLN B 210 7.05 14.67 3.36
CA GLN B 210 7.21 16.04 2.84
C GLN B 210 8.58 16.17 2.22
N LEU B 211 8.64 16.16 0.89
CA LEU B 211 9.92 16.13 0.13
C LEU B 211 10.34 17.56 -0.26
N ASP B 212 11.50 18.03 0.19
CA ASP B 212 11.97 19.35 -0.25
C ASP B 212 12.43 19.37 -1.72
N MET B 213 12.32 20.54 -2.34
CA MET B 213 12.57 20.71 -3.74
C MET B 213 14.06 20.50 -4.11
N ASP B 214 14.99 20.74 -3.20
CA ASP B 214 16.39 20.42 -3.46
C ASP B 214 16.59 18.88 -3.53
N ALA B 215 16.09 18.13 -2.56
CA ALA B 215 16.09 16.67 -2.64
C ALA B 215 15.45 16.18 -3.96
N ALA B 216 14.33 16.78 -4.33
CA ALA B 216 13.56 16.29 -5.48
C ALA B 216 14.39 16.52 -6.74
N ARG B 217 14.95 17.71 -6.85
CA ARG B 217 15.78 17.98 -8.03
C ARG B 217 17.04 17.08 -8.06
N SER B 218 17.66 16.90 -6.91
CA SER B 218 18.79 15.99 -6.82
C SER B 218 18.50 14.61 -7.47
N PHE B 219 17.46 13.93 -7.01
CA PHE B 219 17.05 12.62 -7.59
C PHE B 219 16.63 12.72 -9.08
N PHE B 220 15.75 13.67 -9.40
CA PHE B 220 15.11 13.71 -10.73
C PHE B 220 16.08 14.16 -11.82
N GLN B 221 16.94 15.13 -11.49
CA GLN B 221 17.78 15.74 -12.52
C GLN B 221 19.18 15.14 -12.54
N PHE B 222 19.80 15.00 -11.37
CA PHE B 222 21.20 14.60 -11.25
C PHE B 222 21.41 13.11 -10.92
N SER B 223 20.34 12.41 -10.54
CA SER B 223 20.50 11.05 -10.13
C SER B 223 21.45 10.94 -8.94
N ARG B 224 21.26 11.80 -7.93
CA ARG B 224 22.17 11.80 -6.79
C ARG B 224 21.35 11.80 -5.50
N MET B 225 21.74 11.01 -4.52
CA MET B 225 21.10 11.16 -3.23
C MET B 225 21.51 12.46 -2.56
N PRO B 226 20.62 13.02 -1.73
CA PRO B 226 21.04 14.18 -0.92
C PRO B 226 22.22 13.81 -0.05
N ASP B 227 22.94 14.81 0.42
CA ASP B 227 24.00 14.54 1.37
C ASP B 227 23.48 13.88 2.65
N ASP B 228 24.22 12.86 3.09
CA ASP B 228 23.88 12.12 4.33
C ASP B 228 22.50 11.44 4.28
N PHE B 229 22.02 11.11 3.08
CA PHE B 229 20.68 10.55 2.90
C PHE B 229 20.56 9.22 3.65
N PHE B 230 19.49 9.04 4.43
CA PHE B 230 19.12 7.74 5.03
C PHE B 230 17.94 7.24 4.24
N ARG B 231 17.89 5.95 3.91
CA ARG B 231 16.74 5.38 3.25
C ARG B 231 15.61 5.29 4.28
N ALA B 232 14.41 4.99 3.79
CA ALA B 232 13.20 4.99 4.58
C ALA B 232 13.28 3.90 5.67
N PRO B 233 12.51 4.07 6.75
CA PRO B 233 12.80 3.26 7.94
C PRO B 233 12.13 1.89 7.89
N SER B 234 11.36 1.64 6.83
CA SER B 234 10.87 0.31 6.54
C SER B 234 10.42 0.21 5.08
N PRO B 235 10.14 -1.01 4.60
CA PRO B 235 9.92 -1.20 3.17
C PRO B 235 8.61 -0.55 2.78
N ARG B 236 8.57 0.10 1.62
CA ARG B 236 7.29 0.59 1.15
C ARG B 236 7.41 0.91 -0.31
N SER B 237 6.27 1.11 -0.92
CA SER B 237 6.27 1.56 -2.30
C SER B 237 5.11 2.55 -2.49
N GLY B 238 3.95 2.03 -2.92
CA GLY B 238 2.85 2.89 -3.37
C GLY B 238 1.80 3.11 -2.28
N THR B 239 2.24 3.21 -1.03
CA THR B 239 1.37 3.60 0.09
C THR B 239 0.72 4.96 -0.22
N GLY B 240 -0.60 5.02 -0.15
CA GLY B 240 -1.35 6.30 -0.27
C GLY B 240 -1.74 6.57 -1.72
N VAL B 241 -1.55 5.60 -2.59
CA VAL B 241 -1.94 5.82 -3.98
C VAL B 241 -3.42 6.20 -4.10
N GLU B 242 -4.30 5.65 -3.22
CA GLU B 242 -5.72 6.03 -3.24
C GLU B 242 -5.94 7.52 -3.02
N VAL B 243 -5.02 8.17 -2.32
CA VAL B 243 -5.08 9.64 -2.12
C VAL B 243 -4.86 10.36 -3.45
N VAL B 244 -4.09 9.74 -4.33
CA VAL B 244 -3.79 10.34 -5.63
C VAL B 244 -4.92 10.06 -6.59
N ILE B 245 -5.40 8.82 -6.57
CA ILE B 245 -6.54 8.42 -7.37
C ILE B 245 -7.82 9.21 -7.04
N GLN B 246 -8.09 9.49 -5.76
CA GLN B 246 -9.41 10.05 -5.42
C GLN B 246 -9.44 11.57 -5.42
N ALA B 247 -8.28 12.17 -5.50
CA ALA B 247 -8.19 13.64 -5.74
C ALA B 247 -8.91 14.02 -7.04
N HIS B 248 -8.69 13.26 -8.11
CA HIS B 248 -9.41 13.53 -9.35
C HIS B 248 -9.72 12.23 -10.05
N PRO B 249 -10.77 11.52 -9.61
CA PRO B 249 -10.98 10.21 -10.19
C PRO B 249 -11.11 10.37 -11.70
N MET B 250 -10.59 9.41 -12.45
CA MET B 250 -10.52 9.47 -13.92
C MET B 250 -10.43 8.03 -14.46
N GLN B 251 -11.09 7.77 -15.59
CA GLN B 251 -11.11 6.44 -16.19
C GLN B 251 -10.12 6.39 -17.34
N PRO B 252 -9.62 5.18 -17.63
CA PRO B 252 -8.65 4.99 -18.73
C PRO B 252 -9.20 5.33 -20.13
N GLY B 253 -8.36 5.95 -20.95
CA GLY B 253 -8.74 6.28 -22.31
C GLY B 253 -7.61 6.86 -23.14
N ARG B 254 -7.95 7.46 -24.28
CA ARG B 254 -6.92 7.81 -25.25
C ARG B 254 -7.42 8.95 -26.10
N ASN B 255 -6.52 9.82 -26.57
CA ASN B 255 -6.88 10.72 -27.67
C ASN B 255 -7.12 9.96 -28.97
N VAL B 256 -8.00 10.45 -29.82
CA VAL B 256 -8.39 9.66 -30.98
C VAL B 256 -7.90 10.33 -32.24
N GLY B 257 -6.59 10.30 -32.45
CA GLY B 257 -5.99 10.92 -33.64
C GLY B 257 -5.86 12.44 -33.59
N LYS B 258 -6.30 13.07 -32.51
CA LYS B 258 -6.13 14.53 -32.40
C LYS B 258 -6.19 15.06 -30.97
N ILE B 259 -5.73 16.29 -30.76
CA ILE B 259 -5.74 16.83 -29.40
C ILE B 259 -7.20 17.02 -28.89
N ASN B 260 -7.39 16.97 -27.56
CA ASN B 260 -8.72 17.19 -26.98
C ASN B 260 -9.83 16.28 -27.50
N SER B 261 -9.47 15.01 -27.75
CA SER B 261 -10.46 13.97 -28.09
C SER B 261 -10.41 12.77 -27.11
N TYR B 262 -10.25 13.05 -25.82
CA TYR B 262 -10.05 11.96 -24.87
C TYR B 262 -11.29 11.10 -24.83
N THR B 263 -11.14 9.83 -25.16
CA THR B 263 -12.26 8.93 -25.21
C THR B 263 -12.00 7.77 -24.23
N VAL B 264 -12.87 7.66 -23.23
CA VAL B 264 -12.84 6.53 -22.30
C VAL B 264 -12.90 5.22 -23.04
N ASP B 265 -12.03 4.29 -22.67
CA ASP B 265 -11.98 2.98 -23.29
C ASP B 265 -12.53 1.88 -22.37
N PRO B 266 -13.74 1.35 -22.68
CA PRO B 266 -14.45 0.43 -21.78
C PRO B 266 -13.87 -0.98 -21.83
N THR B 267 -12.84 -1.18 -22.67
CA THR B 267 -12.17 -2.49 -22.69
C THR B 267 -10.89 -2.45 -21.88
N SER B 268 -10.47 -1.26 -21.45
CA SER B 268 -9.30 -1.18 -20.59
C SER B 268 -9.63 -1.67 -19.17
N SER B 269 -8.64 -2.24 -18.50
CA SER B 269 -8.71 -2.47 -17.05
C SER B 269 -8.64 -1.13 -16.36
N ASP B 270 -9.09 -1.07 -15.11
CA ASP B 270 -8.92 0.13 -14.27
C ASP B 270 -8.66 -0.40 -12.85
N PHE B 271 -8.79 0.45 -11.83
CA PHE B 271 -8.34 0.07 -10.47
C PHE B 271 -9.23 -0.96 -9.80
N SER B 272 -10.48 -1.07 -10.26
CA SER B 272 -11.34 -2.13 -9.74
C SER B 272 -11.11 -3.48 -10.45
N THR B 273 -10.37 -3.50 -11.57
CA THR B 273 -10.13 -4.77 -12.31
C THR B 273 -8.65 -5.13 -12.46
N PRO B 274 -7.89 -5.23 -11.34
CA PRO B 274 -6.44 -5.40 -11.48
C PRO B 274 -6.06 -6.74 -12.13
N CYS B 275 -6.94 -7.74 -12.07
CA CYS B 275 -6.63 -9.04 -12.70
C CYS B 275 -6.77 -9.00 -14.24
N LEU B 276 -7.55 -8.08 -14.76
CA LEU B 276 -7.67 -7.93 -16.18
C LEU B 276 -6.40 -7.22 -16.71
N MET B 277 -5.87 -6.30 -15.90
CA MET B 277 -4.57 -5.69 -16.19
C MET B 277 -3.46 -6.75 -16.27
N TYR B 278 -3.34 -7.57 -15.23
CA TYR B 278 -2.43 -8.73 -15.27
C TYR B 278 -2.59 -9.53 -16.54
N GLU B 279 -3.84 -9.94 -16.81
CA GLU B 279 -4.10 -10.89 -17.89
C GLU B 279 -3.82 -10.28 -19.25
N LYS B 280 -4.17 -9.03 -19.47
CA LYS B 280 -3.93 -8.38 -20.75
C LYS B 280 -2.42 -8.14 -20.98
N PHE B 281 -1.72 -7.68 -19.95
CA PHE B 281 -0.26 -7.64 -20.01
C PHE B 281 0.37 -8.97 -20.53
N VAL B 282 -0.05 -10.11 -19.97
CA VAL B 282 0.50 -11.42 -20.31
C VAL B 282 -0.04 -11.93 -21.68
N ASN B 283 -1.35 -11.89 -21.88
CA ASN B 283 -1.95 -12.44 -23.10
C ASN B 283 -1.71 -11.59 -24.31
N ILE B 284 -1.61 -10.29 -24.10
CA ILE B 284 -1.50 -9.36 -25.20
C ILE B 284 -0.11 -8.71 -25.34
N THR B 285 0.36 -7.98 -24.34
CA THR B 285 1.65 -7.34 -24.46
C THR B 285 2.80 -8.33 -24.61
N VAL B 286 2.95 -9.25 -23.67
CA VAL B 286 4.11 -10.11 -23.64
C VAL B 286 4.04 -11.05 -24.87
N LYS B 287 2.88 -11.63 -25.08
CA LYS B 287 2.72 -12.68 -26.04
C LYS B 287 2.74 -12.21 -27.52
N SER B 288 2.41 -10.95 -27.76
CA SER B 288 2.61 -10.41 -29.10
CA SER B 288 2.58 -10.35 -29.07
C SER B 288 4.06 -10.01 -29.40
N LEU B 289 4.93 -9.92 -28.37
CA LEU B 289 6.37 -9.69 -28.61
C LEU B 289 7.01 -11.02 -28.91
N TYR B 290 6.45 -12.05 -28.30
CA TYR B 290 6.99 -13.40 -28.44
C TYR B 290 5.81 -14.29 -28.89
N PRO B 291 5.32 -14.11 -30.13
CA PRO B 291 4.13 -14.89 -30.55
C PRO B 291 4.40 -16.38 -30.55
N ASN B 292 5.60 -16.79 -30.96
CA ASN B 292 5.88 -18.22 -31.14
C ASN B 292 7.34 -18.56 -30.89
N PRO B 293 7.71 -18.74 -29.63
CA PRO B 293 9.14 -18.71 -29.29
C PRO B 293 9.77 -20.11 -29.31
N THR B 294 11.05 -20.16 -29.68
CA THR B 294 11.86 -21.38 -29.61
C THR B 294 11.93 -21.94 -28.19
N VAL B 295 12.55 -23.12 -28.06
CA VAL B 295 12.51 -23.88 -26.81
C VAL B 295 13.16 -23.19 -25.61
N GLN B 296 14.32 -22.59 -25.83
CA GLN B 296 15.08 -21.97 -24.76
C GLN B 296 14.44 -20.64 -24.40
N LEU B 297 13.95 -19.92 -25.41
CA LEU B 297 13.26 -18.67 -25.16
C LEU B 297 11.92 -18.91 -24.45
N ARG B 298 11.22 -19.98 -24.81
CA ARG B 298 9.99 -20.35 -24.11
C ARG B 298 10.18 -20.69 -22.62
N LYS B 299 11.23 -21.45 -22.30
CA LYS B 299 11.58 -21.67 -20.90
C LYS B 299 11.84 -20.34 -20.15
N ALA B 300 12.60 -19.45 -20.77
CA ALA B 300 13.00 -18.20 -20.13
C ALA B 300 11.74 -17.36 -19.87
N LEU B 301 10.80 -17.38 -20.81
CA LEU B 301 9.56 -16.60 -20.65
C LEU B 301 8.74 -17.12 -19.48
N ASN B 302 8.62 -18.44 -19.39
CA ASN B 302 7.77 -19.08 -18.38
C ASN B 302 8.33 -18.87 -16.95
N THR B 303 9.65 -18.98 -16.84
CA THR B 303 10.37 -18.66 -15.60
C THR B 303 10.12 -17.21 -15.18
N ASN B 304 10.20 -16.29 -16.13
CA ASN B 304 10.04 -14.89 -15.79
C ASN B 304 8.56 -14.51 -15.58
N LEU B 305 7.67 -15.17 -16.31
CA LEU B 305 6.22 -14.98 -16.09
C LEU B 305 5.79 -15.49 -14.71
N ASP B 306 6.36 -16.62 -14.24
CA ASP B 306 6.18 -17.03 -12.82
C ASP B 306 6.60 -15.95 -11.82
N PHE B 307 7.80 -15.40 -11.95
CA PHE B 307 8.30 -14.46 -10.98
C PHE B 307 7.42 -13.23 -11.03
N PHE B 308 7.06 -12.81 -12.23
CA PHE B 308 6.14 -11.72 -12.39
C PHE B 308 4.82 -11.94 -11.63
N PHE B 309 4.18 -13.08 -11.85
CA PHE B 309 2.95 -13.43 -11.16
C PHE B 309 3.05 -13.34 -9.66
N GLN B 310 4.14 -13.81 -9.07
CA GLN B 310 4.32 -13.70 -7.61
C GLN B 310 4.29 -12.27 -7.10
N GLY B 311 4.63 -11.31 -7.96
CA GLY B 311 4.59 -9.88 -7.60
C GLY B 311 3.28 -9.14 -7.82
N VAL B 312 2.26 -9.82 -8.35
CA VAL B 312 1.02 -9.11 -8.63
C VAL B 312 0.28 -8.76 -7.30
N ALA B 313 0.09 -7.48 -7.02
CA ALA B 313 -0.37 -7.00 -5.69
C ALA B 313 -1.74 -7.58 -5.36
N ALA B 314 -2.66 -7.45 -6.30
CA ALA B 314 -4.01 -7.94 -6.13
C ALA B 314 -4.15 -9.46 -5.97
N GLY B 315 -3.08 -10.21 -6.24
CA GLY B 315 -3.16 -11.67 -6.13
C GLY B 315 -3.53 -12.36 -7.43
N CYS B 316 -4.81 -12.39 -7.80
CA CYS B 316 -5.22 -12.88 -9.13
C CYS B 316 -4.99 -14.38 -9.30
N THR B 317 -5.42 -14.93 -10.44
CA THR B 317 -5.04 -16.29 -10.83
C THR B 317 -4.16 -16.29 -12.10
N GLN B 318 -3.12 -17.10 -12.05
CA GLN B 318 -2.08 -17.13 -13.09
C GLN B 318 -2.66 -17.52 -14.43
N VAL B 319 -2.24 -16.84 -15.49
CA VAL B 319 -2.54 -17.31 -16.85
C VAL B 319 -1.27 -17.86 -17.51
N PHE B 320 -1.46 -18.79 -18.43
CA PHE B 320 -0.30 -19.49 -19.04
C PHE B 320 -0.33 -19.40 -20.57
N PRO B 321 0.29 -18.36 -21.13
CA PRO B 321 0.19 -18.16 -22.59
C PRO B 321 0.98 -19.20 -23.39
N TYR B 322 1.93 -19.89 -22.75
CA TYR B 322 2.73 -20.88 -23.43
C TYR B 322 2.51 -22.29 -22.89
N GLY B 323 1.48 -22.46 -22.06
CA GLY B 323 1.27 -23.71 -21.34
C GLY B 323 2.07 -23.84 -20.04
N ARG B 324 1.88 -24.96 -19.34
CA ARG B 324 2.61 -25.23 -18.09
C ARG B 324 3.41 -26.54 -18.19
#